data_8E14
#
_entry.id   8E14
#
_cell.length_a   1.00
_cell.length_b   1.00
_cell.length_c   1.00
_cell.angle_alpha   90.00
_cell.angle_beta   90.00
_cell.angle_gamma   90.00
#
_symmetry.space_group_name_H-M   'P 1'
#
loop_
_entity.id
_entity.type
_entity.pdbx_description
1 polymer integrase
2 polymer 'DNA (42-MER)'
3 polymer "DNA (5'-D(*AP*AP*TP*GP*TP*TP*GP*TP*CP*TP*TP*AP*TP*GP*CP*AP*AP*TP*AP*CP*TP*C)-3')"
4 polymer "DNA (5'-D(*AP*GP*TP*GP*TP*CP*TP*TP*CP*TP*TP*CP*TP*TP*TP*C)-3')"
5 non-polymer 'ZINC ION'
#
loop_
_entity_poly.entity_id
_entity_poly.type
_entity_poly.pdbx_seq_one_letter_code
_entity_poly.pdbx_strand_id
1 'polypeptide(L)'
;PLREAKDLHTALHIGPRALSKACNISMQQAREVVQTCPHCNSAPALEAGVNPRGLGPLQIWQTDFTLEPRMAPRSWLAVT
VDTASSAIVVTQHGRVTSVAVQHHWATAIAVLGRPKAIKTDNGSCFTSKSTREWLARWGIAHTTGIPGNSQGQAMVERAN
RLLKDKIRVLAEGDGFMKRIPTSKQGELLAKAMYALNHFERGENTKTPIQKHWRPTVLTEGPPVKIRIETGEWEKGWNVL
VWGRGYAAVKNRDTDKVIWVPSRKVKPDITQKDEVTKK
;
A,B,C,D,E,F,G,H
2 'polydeoxyribonucleotide'
;(DG)(DA)(DG)(DT)(DA)(DT)(DT)(DG)(DC)(DA)(DT)(DA)(DA)(DG)(DA)(DC)(DA)(DA)(DC)(DA)
(DG)(DT)(DG)(DC)(DA)(DC)(DG)(DA)(DA)(DA)(DG)(DA)(DA)(DG)(DA)(DA)(DG)(DA)(DC)(DA)
(DC)(DT)
;
I,L
3 'polydeoxyribonucleotide'
;(DA)(DA)(DT)(DG)(DT)(DT)(DG)(DT)(DC)(DT)(DT)(DA)(DT)(DG)(DC)(DA)(DA)(DT)(DA)(DC)
(DT)(DC)
;
J,M
4 'polydeoxyribonucleotide' (DA)(DG)(DT)(DG)(DT)(DC)(DT)(DT)(DC)(DT)(DT)(DC)(DT)(DT)(DT)(DC) K,N
#
loop_
_chem_comp.id
_chem_comp.type
_chem_comp.name
_chem_comp.formula
DA DNA linking 2'-DEOXYADENOSINE-5'-MONOPHOSPHATE 'C10 H14 N5 O6 P'
DC DNA linking 2'-DEOXYCYTIDINE-5'-MONOPHOSPHATE 'C9 H14 N3 O7 P'
DG DNA linking 2'-DEOXYGUANOSINE-5'-MONOPHOSPHATE 'C10 H14 N5 O7 P'
DT DNA linking THYMIDINE-5'-MONOPHOSPHATE 'C10 H15 N2 O8 P'
ZN non-polymer 'ZINC ION' 'Zn 2'
#
# COMPACT_ATOMS: atom_id res chain seq x y z
N PRO A 1 2.18 42.65 -6.29
CA PRO A 1 2.72 43.32 -5.11
C PRO A 1 2.55 42.49 -3.84
N LEU A 2 3.35 42.76 -2.82
CA LEU A 2 3.23 42.06 -1.55
C LEU A 2 2.10 42.66 -0.74
N ARG A 3 0.92 42.78 -1.33
CA ARG A 3 -0.23 43.36 -0.66
C ARG A 3 -1.49 42.62 -1.11
N GLU A 4 -2.45 42.56 -0.18
CA GLU A 4 -3.76 41.90 -0.34
C GLU A 4 -3.60 40.39 -0.34
N ALA A 5 -2.37 39.89 -0.44
CA ALA A 5 -2.16 38.45 -0.51
C ALA A 5 -2.39 37.80 0.84
N LYS A 6 -1.98 38.48 1.92
CA LYS A 6 -2.15 37.92 3.25
C LYS A 6 -3.62 37.67 3.56
N ASP A 7 -4.46 38.69 3.40
CA ASP A 7 -5.89 38.51 3.63
C ASP A 7 -6.54 37.62 2.58
N LEU A 8 -6.08 37.63 1.33
CA LEU A 8 -6.61 36.66 0.37
C LEU A 8 -6.41 35.24 0.87
N HIS A 9 -5.20 34.92 1.35
CA HIS A 9 -4.95 33.59 1.87
C HIS A 9 -5.80 33.31 3.10
N THR A 10 -5.76 34.21 4.08
CA THR A 10 -6.46 33.98 5.35
C THR A 10 -7.98 33.97 5.18
N ALA A 11 -8.48 34.39 4.03
CA ALA A 11 -9.91 34.22 3.77
C ALA A 11 -10.25 33.06 2.86
N LEU A 12 -9.44 32.75 1.85
CA LEU A 12 -9.76 31.72 0.86
C LEU A 12 -8.53 30.87 0.57
N HIS A 13 -7.91 30.31 1.61
CA HIS A 13 -6.65 29.57 1.52
C HIS A 13 -6.57 28.74 0.23
N ILE A 14 -5.52 28.99 -0.55
CA ILE A 14 -5.33 28.42 -1.88
C ILE A 14 -3.87 28.06 -2.07
N GLY A 15 -3.55 27.56 -3.27
CA GLY A 15 -2.22 27.13 -3.60
C GLY A 15 -1.25 28.27 -3.82
N PRO A 16 0.05 27.98 -3.66
CA PRO A 16 1.06 29.05 -3.74
C PRO A 16 1.20 29.64 -5.12
N ARG A 17 1.27 28.77 -6.14
CA ARG A 17 1.40 29.27 -7.51
C ARG A 17 0.16 30.04 -7.92
N ALA A 18 -1.03 29.57 -7.53
CA ALA A 18 -2.24 30.30 -7.83
C ALA A 18 -2.25 31.66 -7.17
N LEU A 19 -1.82 31.73 -5.90
CA LEU A 19 -1.74 33.02 -5.22
C LEU A 19 -0.74 33.94 -5.91
N SER A 20 0.40 33.41 -6.33
CA SER A 20 1.39 34.20 -7.04
C SER A 20 0.81 34.75 -8.33
N LYS A 21 0.08 33.92 -9.07
CA LYS A 21 -0.62 34.38 -10.25
C LYS A 21 -1.70 35.39 -9.86
N ALA A 22 -2.03 36.27 -10.80
CA ALA A 22 -2.95 37.38 -10.60
C ALA A 22 -2.47 38.36 -9.54
N CYS A 23 -1.23 38.21 -9.06
CA CYS A 23 -0.65 39.16 -8.12
C CYS A 23 0.81 39.42 -8.42
N ASN A 24 1.36 38.89 -9.51
CA ASN A 24 2.75 39.08 -9.96
C ASN A 24 3.72 39.02 -8.78
N ILE A 25 3.74 37.86 -8.13
CA ILE A 25 4.58 37.61 -6.97
C ILE A 25 5.47 36.41 -7.26
N SER A 26 6.73 36.50 -6.84
CA SER A 26 7.67 35.41 -7.09
C SER A 26 7.31 34.18 -6.29
N MET A 27 7.85 33.04 -6.73
CA MET A 27 7.57 31.76 -6.09
C MET A 27 8.06 31.75 -4.65
N GLN A 28 9.25 32.30 -4.41
CA GLN A 28 9.79 32.33 -3.06
C GLN A 28 8.94 33.19 -2.13
N GLN A 29 8.51 34.36 -2.59
CA GLN A 29 7.64 35.20 -1.78
C GLN A 29 6.32 34.51 -1.51
N ALA A 30 5.76 33.84 -2.52
CA ALA A 30 4.51 33.10 -2.32
C ALA A 30 4.69 32.03 -1.26
N ARG A 31 5.81 31.30 -1.30
CA ARG A 31 6.05 30.26 -0.31
C ARG A 31 6.17 30.84 1.09
N GLU A 32 6.97 31.90 1.24
CA GLU A 32 7.16 32.46 2.58
C GLU A 32 5.89 33.11 3.10
N VAL A 33 4.98 33.53 2.22
CA VAL A 33 3.75 34.10 2.72
C VAL A 33 2.70 33.03 3.01
N VAL A 34 2.75 31.89 2.31
CA VAL A 34 1.76 30.85 2.61
C VAL A 34 2.17 30.07 3.86
N GLN A 35 3.47 29.94 4.11
CA GLN A 35 3.93 29.22 5.31
C GLN A 35 3.73 30.08 6.56
N THR A 36 2.48 30.49 6.77
CA THR A 36 2.08 31.22 7.96
C THR A 36 0.77 30.73 8.56
N CYS A 37 -0.10 30.08 7.79
CA CYS A 37 -1.39 29.61 8.29
C CYS A 37 -1.25 28.21 8.86
N PRO A 38 -1.21 28.07 10.19
CA PRO A 38 -0.95 26.76 10.78
C PRO A 38 -1.99 25.71 10.42
N HIS A 39 -3.19 26.13 10.05
CA HIS A 39 -4.21 25.18 9.61
C HIS A 39 -3.74 24.43 8.37
N CYS A 40 -3.14 25.13 7.42
CA CYS A 40 -2.58 24.47 6.26
C CYS A 40 -1.11 24.11 6.53
N ASN A 41 -0.46 23.51 5.53
CA ASN A 41 0.94 23.10 5.59
C ASN A 41 1.24 22.22 6.80
N SER A 42 2.53 22.06 7.13
CA SER A 42 2.98 21.29 8.28
C SER A 42 2.64 19.81 8.13
N ALA A 43 2.99 19.25 6.97
CA ALA A 43 2.75 17.85 6.66
C ALA A 43 3.75 16.87 7.27
N PRO A 44 5.06 17.04 7.07
CA PRO A 44 5.99 15.93 7.29
C PRO A 44 6.08 15.52 8.76
N ALA A 45 6.36 14.24 8.97
CA ALA A 45 6.50 13.65 10.30
C ALA A 45 7.13 12.26 10.12
N LEU A 46 7.15 11.48 11.21
CA LEU A 46 7.42 10.05 11.20
C LEU A 46 8.89 9.70 10.95
N GLU A 47 9.34 8.60 11.57
CA GLU A 47 10.70 8.10 11.43
C GLU A 47 10.62 6.57 11.35
N ALA A 48 11.75 5.89 11.51
CA ALA A 48 11.79 4.44 11.41
C ALA A 48 12.80 3.89 12.39
N GLY A 49 13.06 2.59 12.31
CA GLY A 49 14.00 1.93 13.20
C GLY A 49 14.15 0.47 12.83
N VAL A 50 15.01 -0.22 13.57
CA VAL A 50 15.33 -1.62 13.32
C VAL A 50 15.32 -2.38 14.64
N ASN A 51 15.29 -3.72 14.53
CA ASN A 51 15.29 -4.60 15.68
C ASN A 51 16.70 -5.07 15.97
N PRO A 52 17.22 -4.86 17.17
CA PRO A 52 18.56 -5.37 17.50
C PRO A 52 18.63 -6.88 17.37
N ARG A 53 19.77 -7.37 16.89
CA ARG A 53 20.01 -8.78 16.71
C ARG A 53 21.28 -9.19 17.47
N GLY A 54 21.69 -10.44 17.28
CA GLY A 54 22.88 -10.94 17.93
C GLY A 54 23.93 -11.43 16.96
N LEU A 55 25.18 -11.00 17.16
CA LEU A 55 26.26 -11.41 16.26
C LEU A 55 26.48 -12.91 16.33
N GLY A 56 26.63 -13.45 17.53
CA GLY A 56 26.79 -14.87 17.72
C GLY A 56 25.45 -15.56 17.89
N PRO A 57 25.42 -16.87 17.71
CA PRO A 57 24.17 -17.61 17.91
C PRO A 57 23.82 -17.71 19.38
N LEU A 58 22.60 -18.23 19.63
CA LEU A 58 22.11 -18.51 20.97
C LEU A 58 22.09 -17.25 21.83
N GLN A 59 21.58 -16.16 21.28
CA GLN A 59 21.49 -14.96 22.10
C GLN A 59 20.10 -14.33 22.16
N ILE A 60 19.39 -14.26 21.04
CA ILE A 60 18.21 -13.40 20.93
C ILE A 60 16.96 -14.17 20.49
N TRP A 61 16.81 -15.41 20.97
CA TRP A 61 15.64 -16.21 20.61
C TRP A 61 14.35 -15.43 20.71
N GLN A 62 13.39 -15.78 19.84
CA GLN A 62 12.04 -15.21 19.88
C GLN A 62 11.01 -16.32 19.75
N THR A 63 9.82 -16.09 20.32
CA THR A 63 8.78 -17.09 20.37
C THR A 63 7.41 -16.43 20.21
N ASP A 64 6.45 -17.20 19.73
CA ASP A 64 5.07 -16.72 19.65
C ASP A 64 4.11 -17.87 19.40
N PHE A 65 2.82 -17.55 19.42
CA PHE A 65 1.71 -18.47 19.24
C PHE A 65 0.90 -18.09 18.02
N THR A 66 0.16 -19.07 17.49
CA THR A 66 -0.69 -18.87 16.31
C THR A 66 -1.91 -19.77 16.43
N LEU A 67 -2.62 -19.97 15.32
CA LEU A 67 -3.81 -20.80 15.31
C LEU A 67 -4.07 -21.26 13.88
N GLU A 68 -4.06 -22.57 13.68
CA GLU A 68 -4.27 -23.14 12.34
C GLU A 68 -5.68 -23.68 12.25
N PRO A 69 -6.55 -23.10 11.42
CA PRO A 69 -7.94 -23.59 11.35
C PRO A 69 -8.06 -25.06 10.97
N ARG A 70 -7.20 -25.56 10.07
CA ARG A 70 -7.34 -26.94 9.63
C ARG A 70 -6.71 -27.93 10.60
N MET A 71 -6.05 -27.45 11.65
CA MET A 71 -5.57 -28.31 12.74
C MET A 71 -6.73 -28.41 13.73
N ALA A 72 -7.63 -29.37 13.50
CA ALA A 72 -8.91 -29.39 14.17
C ALA A 72 -8.80 -29.67 15.68
N PRO A 73 -8.29 -30.83 16.10
CA PRO A 73 -8.39 -31.16 17.54
C PRO A 73 -7.63 -30.19 18.43
N ARG A 74 -6.43 -29.77 18.02
CA ARG A 74 -5.60 -28.87 18.82
C ARG A 74 -4.81 -28.02 17.84
N SER A 75 -5.28 -26.80 17.57
CA SER A 75 -4.53 -26.03 16.58
C SER A 75 -3.34 -25.32 17.23
N TRP A 76 -3.59 -24.21 17.92
CA TRP A 76 -2.73 -23.62 18.94
C TRP A 76 -1.25 -23.90 18.75
N LEU A 77 -0.70 -23.57 17.59
CA LEU A 77 0.69 -23.87 17.33
C LEU A 77 1.60 -22.83 17.96
N ALA A 78 2.78 -23.26 18.38
CA ALA A 78 3.80 -22.40 18.94
C ALA A 78 5.06 -22.49 18.11
N VAL A 79 5.75 -21.36 17.94
CA VAL A 79 6.90 -21.31 17.06
C VAL A 79 8.01 -20.48 17.70
N THR A 80 9.25 -20.87 17.43
CA THR A 80 10.44 -20.20 17.96
C THR A 80 11.48 -20.06 16.86
N VAL A 81 12.22 -18.94 16.92
CA VAL A 81 13.23 -18.60 15.93
C VAL A 81 14.46 -18.06 16.64
N ASP A 82 15.60 -18.10 15.94
CA ASP A 82 16.92 -17.83 16.52
C ASP A 82 17.41 -16.41 16.27
N THR A 83 17.00 -15.77 15.17
CA THR A 83 17.36 -14.39 14.85
C THR A 83 18.85 -14.14 14.68
N ALA A 84 19.66 -15.19 14.76
CA ALA A 84 21.07 -15.09 14.40
C ALA A 84 21.39 -15.95 13.18
N SER A 85 21.13 -17.25 13.26
CA SER A 85 21.06 -18.13 12.12
C SER A 85 19.62 -18.60 12.05
N SER A 86 18.92 -18.23 10.98
CA SER A 86 17.47 -18.32 10.99
C SER A 86 16.99 -19.76 10.94
N ALA A 87 16.84 -20.37 12.11
CA ALA A 87 16.25 -21.69 12.26
C ALA A 87 15.00 -21.59 13.12
N ILE A 88 14.03 -22.46 12.84
CA ILE A 88 12.73 -22.40 13.49
C ILE A 88 12.38 -23.76 14.06
N VAL A 89 11.58 -23.76 15.12
CA VAL A 89 11.06 -24.98 15.73
C VAL A 89 9.62 -24.75 16.16
N VAL A 90 8.77 -25.75 15.93
CA VAL A 90 7.34 -25.63 16.18
C VAL A 90 6.89 -26.70 17.15
N THR A 91 5.77 -26.42 17.82
CA THR A 91 5.18 -27.32 18.80
C THR A 91 3.66 -27.20 18.72
N GLN A 92 2.98 -28.30 19.06
CA GLN A 92 1.53 -28.38 18.98
C GLN A 92 0.91 -28.43 20.38
N HIS A 93 -0.23 -27.76 20.53
CA HIS A 93 -0.91 -27.70 21.82
C HIS A 93 -2.39 -27.50 21.58
N GLY A 94 -3.18 -27.69 22.65
CA GLY A 94 -4.62 -27.59 22.55
C GLY A 94 -5.24 -26.46 23.33
N ARG A 95 -4.46 -25.79 24.17
CA ARG A 95 -5.00 -24.71 25.00
C ARG A 95 -3.86 -23.82 25.45
N VAL A 96 -4.02 -22.51 25.23
CA VAL A 96 -2.98 -21.54 25.57
C VAL A 96 -3.02 -21.30 27.07
N THR A 97 -2.14 -21.98 27.80
CA THR A 97 -2.05 -21.82 29.25
C THR A 97 -0.58 -21.84 29.65
N SER A 98 -0.28 -21.24 30.80
CA SER A 98 1.11 -21.10 31.20
C SER A 98 1.65 -22.37 31.84
N VAL A 99 1.39 -23.51 31.20
CA VAL A 99 2.13 -24.74 31.44
C VAL A 99 2.58 -25.21 30.07
N ALA A 100 1.81 -24.85 29.06
CA ALA A 100 2.17 -25.18 27.68
C ALA A 100 3.46 -24.46 27.28
N VAL A 101 3.61 -23.19 27.69
CA VAL A 101 4.83 -22.45 27.35
C VAL A 101 6.04 -23.10 28.02
N GLN A 102 5.90 -23.50 29.28
CA GLN A 102 7.00 -24.17 29.96
C GLN A 102 7.34 -25.49 29.29
N HIS A 103 6.32 -26.23 28.86
CA HIS A 103 6.58 -27.47 28.13
C HIS A 103 7.27 -27.20 26.80
N HIS A 104 6.85 -26.14 26.11
CA HIS A 104 7.46 -25.81 24.82
C HIS A 104 8.92 -25.41 24.99
N TRP A 105 9.24 -24.66 26.02
CA TRP A 105 10.63 -24.31 26.28
C TRP A 105 11.32 -25.46 26.99
N ALA A 106 11.16 -26.66 26.45
CA ALA A 106 11.91 -27.83 26.89
C ALA A 106 12.42 -28.68 25.75
N THR A 107 11.81 -28.58 24.57
CA THR A 107 12.32 -29.22 23.37
C THR A 107 13.25 -28.30 22.59
N ALA A 108 13.00 -26.99 22.63
CA ALA A 108 13.87 -26.05 21.94
C ALA A 108 15.28 -26.06 22.53
N ILE A 109 15.39 -26.09 23.86
CA ILE A 109 16.69 -26.15 24.50
C ILE A 109 17.36 -27.49 24.22
N ALA A 110 16.58 -28.56 24.16
CA ALA A 110 17.15 -29.87 23.84
C ALA A 110 17.71 -29.89 22.43
N VAL A 111 17.03 -29.24 21.48
CA VAL A 111 17.47 -29.28 20.10
C VAL A 111 18.66 -28.35 19.88
N LEU A 112 18.53 -27.08 20.26
CA LEU A 112 19.60 -26.11 20.10
C LEU A 112 20.44 -26.10 21.37
N GLY A 113 21.28 -25.08 21.56
CA GLY A 113 22.03 -24.95 22.78
C GLY A 113 21.20 -24.33 23.90
N ARG A 114 21.76 -23.34 24.58
CA ARG A 114 21.06 -22.63 25.63
C ARG A 114 21.09 -21.13 25.30
N PRO A 115 19.95 -20.46 25.27
CA PRO A 115 19.94 -19.05 24.88
C PRO A 115 20.29 -18.13 26.05
N LYS A 116 20.19 -16.83 25.80
CA LYS A 116 20.42 -15.84 26.85
C LYS A 116 19.38 -14.74 26.91
N ALA A 117 18.46 -14.67 25.94
CA ALA A 117 17.38 -13.69 25.96
C ALA A 117 16.23 -14.24 25.15
N ILE A 118 15.02 -14.14 25.71
CA ILE A 118 13.84 -14.74 25.10
C ILE A 118 12.78 -13.67 24.88
N LYS A 119 13.21 -12.45 24.53
CA LYS A 119 12.30 -11.33 24.32
C LYS A 119 11.06 -11.74 23.52
N THR A 120 9.90 -11.38 24.05
CA THR A 120 8.62 -11.71 23.42
C THR A 120 7.61 -10.62 23.80
N ASP A 121 6.34 -10.86 23.50
CA ASP A 121 5.30 -9.90 23.79
C ASP A 121 4.90 -10.02 25.26
N ASN A 122 3.81 -9.35 25.64
CA ASN A 122 3.35 -9.32 27.03
C ASN A 122 1.99 -9.98 27.17
N GLY A 123 1.80 -11.12 26.53
CA GLY A 123 0.57 -11.88 26.71
C GLY A 123 0.46 -12.46 28.10
N SER A 124 -0.76 -12.82 28.47
CA SER A 124 -1.03 -13.23 29.84
C SER A 124 -0.25 -14.49 30.23
N CYS A 125 -0.01 -15.39 29.28
CA CYS A 125 0.71 -16.61 29.60
C CYS A 125 2.13 -16.33 30.03
N PHE A 126 2.82 -15.40 29.36
CA PHE A 126 4.22 -15.18 29.62
C PHE A 126 4.45 -14.44 30.94
N THR A 127 3.66 -13.41 31.22
CA THR A 127 3.88 -12.59 32.41
C THR A 127 3.12 -13.11 33.61
N SER A 128 3.31 -14.40 33.90
CA SER A 128 2.69 -15.01 35.06
C SER A 128 3.69 -15.05 36.22
N LYS A 129 3.31 -15.71 37.30
CA LYS A 129 4.20 -15.94 38.43
C LYS A 129 4.91 -17.28 38.35
N SER A 130 4.20 -18.34 37.99
CA SER A 130 4.82 -19.65 37.90
C SER A 130 5.93 -19.69 36.84
N THR A 131 5.82 -18.87 35.80
CA THR A 131 6.83 -18.83 34.76
C THR A 131 8.10 -18.11 35.19
N ARG A 132 7.99 -17.07 36.00
CA ARG A 132 9.17 -16.32 36.40
C ARG A 132 10.12 -17.17 37.24
N GLU A 133 9.58 -17.92 38.20
CA GLU A 133 10.43 -18.80 39.00
C GLU A 133 11.05 -19.90 38.15
N TRP A 134 10.26 -20.46 37.22
CA TRP A 134 10.80 -21.49 36.34
C TRP A 134 11.96 -20.95 35.51
N LEU A 135 11.80 -19.74 34.98
CA LEU A 135 12.88 -19.13 34.19
C LEU A 135 14.10 -18.86 35.06
N ALA A 136 13.89 -18.32 36.25
CA ALA A 136 15.01 -17.99 37.12
C ALA A 136 15.76 -19.24 37.57
N ARG A 137 15.05 -20.37 37.65
CA ARG A 137 15.72 -21.62 38.03
C ARG A 137 16.81 -21.99 37.02
N TRP A 138 16.52 -21.85 35.73
CA TRP A 138 17.54 -22.10 34.71
C TRP A 138 18.54 -20.96 34.64
N GLY A 139 18.07 -19.72 34.73
CA GLY A 139 18.97 -18.58 34.72
C GLY A 139 19.06 -17.83 33.41
N ILE A 140 17.92 -17.54 32.78
CA ILE A 140 17.88 -16.81 31.52
C ILE A 140 17.22 -15.46 31.75
N ALA A 141 17.75 -14.44 31.08
CA ALA A 141 17.18 -13.11 31.14
C ALA A 141 15.87 -13.04 30.38
N HIS A 142 15.10 -11.98 30.63
CA HIS A 142 13.78 -11.85 30.02
C HIS A 142 13.43 -10.39 29.88
N THR A 143 12.79 -10.04 28.76
CA THR A 143 12.31 -8.70 28.51
C THR A 143 11.12 -8.78 27.56
N THR A 144 10.35 -7.70 27.50
CA THR A 144 9.14 -7.66 26.69
C THR A 144 9.19 -6.45 25.76
N GLY A 145 8.11 -6.29 24.98
CA GLY A 145 7.98 -5.19 24.06
C GLY A 145 6.88 -4.22 24.47
N ILE A 146 6.70 -3.20 23.65
CA ILE A 146 5.68 -2.18 23.91
C ILE A 146 4.30 -2.82 23.82
N PRO A 147 3.41 -2.58 24.78
CA PRO A 147 2.06 -3.14 24.67
C PRO A 147 1.34 -2.60 23.44
N GLY A 148 0.59 -3.49 22.79
CA GLY A 148 -0.16 -3.14 21.60
C GLY A 148 0.64 -3.22 20.30
N ASN A 149 1.93 -2.92 20.35
CA ASN A 149 2.75 -2.95 19.16
C ASN A 149 2.87 -4.38 18.63
N SER A 150 2.84 -4.51 17.30
CA SER A 150 2.96 -5.80 16.65
C SER A 150 4.20 -5.96 15.81
N GLN A 151 4.87 -4.86 15.46
CA GLN A 151 6.03 -4.94 14.58
C GLN A 151 7.32 -5.27 15.32
N GLY A 152 7.29 -5.36 16.64
CA GLY A 152 8.50 -5.69 17.37
C GLY A 152 9.04 -7.06 17.02
N GLN A 153 8.15 -8.05 16.94
CA GLN A 153 8.54 -9.42 16.64
C GLN A 153 8.42 -9.72 15.15
N ALA A 154 9.04 -8.85 14.35
CA ALA A 154 8.86 -8.90 12.90
C ALA A 154 9.38 -10.21 12.32
N MET A 155 10.48 -10.73 12.87
CA MET A 155 11.08 -11.93 12.31
C MET A 155 10.11 -13.11 12.39
N VAL A 156 9.58 -13.38 13.58
CA VAL A 156 8.66 -14.50 13.73
C VAL A 156 7.35 -14.20 13.01
N GLU A 157 6.90 -12.95 12.99
CA GLU A 157 5.68 -12.62 12.27
C GLU A 157 5.82 -12.96 10.79
N ARG A 158 6.98 -12.65 10.20
CA ARG A 158 7.20 -13.00 8.79
C ARG A 158 7.35 -14.50 8.60
N ALA A 159 8.06 -15.17 9.51
CA ALA A 159 8.26 -16.60 9.36
C ALA A 159 6.95 -17.36 9.45
N ASN A 160 5.96 -16.80 10.14
CA ASN A 160 4.67 -17.46 10.27
C ASN A 160 4.01 -17.66 8.91
N ARG A 161 4.08 -16.65 8.04
CA ARG A 161 3.49 -16.76 6.72
C ARG A 161 4.12 -17.88 5.91
N LEU A 162 5.46 -17.95 5.94
CA LEU A 162 6.14 -19.02 5.21
C LEU A 162 5.75 -20.38 5.76
N LEU A 163 5.66 -20.51 7.09
CA LEU A 163 5.29 -21.78 7.68
C LEU A 163 3.89 -22.19 7.25
N LYS A 164 2.94 -21.26 7.28
CA LYS A 164 1.57 -21.58 6.89
C LYS A 164 1.49 -21.97 5.43
N ASP A 165 2.17 -21.24 4.56
CA ASP A 165 2.14 -21.57 3.14
C ASP A 165 2.73 -22.95 2.88
N LYS A 166 3.85 -23.26 3.52
CA LYS A 166 4.46 -24.57 3.34
C LYS A 166 3.54 -25.68 3.83
N ILE A 167 2.92 -25.48 5.00
CA ILE A 167 2.06 -26.53 5.53
C ILE A 167 0.85 -26.73 4.62
N ARG A 168 0.32 -25.65 4.06
CA ARG A 168 -0.85 -25.80 3.19
C ARG A 168 -0.50 -26.52 1.90
N VAL A 169 0.62 -26.13 1.27
CA VAL A 169 0.98 -26.77 0.01
C VAL A 169 1.38 -28.22 0.24
N LEU A 170 1.88 -28.55 1.43
CA LEU A 170 2.18 -29.95 1.70
C LEU A 170 0.90 -30.74 2.01
N ALA A 171 -0.06 -30.10 2.68
CA ALA A 171 -1.32 -30.79 2.98
C ALA A 171 -2.08 -31.12 1.71
N GLU A 172 -2.16 -30.18 0.78
CA GLU A 172 -2.87 -30.47 -0.47
C GLU A 172 -1.93 -31.07 -1.52
N GLY A 173 -1.20 -32.10 -1.12
CA GLY A 173 -0.31 -32.79 -2.03
C GLY A 173 -0.83 -34.15 -2.43
N ASP A 174 -1.35 -34.90 -1.45
CA ASP A 174 -1.97 -36.19 -1.70
C ASP A 174 -3.49 -36.10 -1.77
N GLY A 175 -4.05 -34.96 -1.35
CA GLY A 175 -5.49 -34.76 -1.38
C GLY A 175 -6.08 -34.76 0.02
N PHE A 176 -6.25 -33.57 0.58
CA PHE A 176 -6.91 -33.42 1.88
C PHE A 176 -7.43 -31.98 1.93
N MET A 177 -8.72 -31.81 1.66
CA MET A 177 -9.30 -30.47 1.61
C MET A 177 -9.81 -30.01 2.97
N LYS A 178 -10.00 -30.91 3.91
CA LYS A 178 -10.53 -30.61 5.22
C LYS A 178 -9.51 -30.96 6.30
N ARG A 179 -9.95 -30.95 7.55
CA ARG A 179 -9.07 -31.24 8.67
C ARG A 179 -8.36 -32.58 8.49
N ILE A 180 -7.06 -32.57 8.72
CA ILE A 180 -6.24 -33.77 8.52
C ILE A 180 -6.66 -34.84 9.52
N PRO A 181 -6.72 -36.11 9.11
CA PRO A 181 -7.03 -37.17 10.08
C PRO A 181 -6.01 -37.22 11.20
N THR A 182 -6.49 -37.51 12.41
CA THR A 182 -5.63 -37.49 13.59
C THR A 182 -4.50 -38.51 13.49
N SER A 183 -4.74 -39.61 12.76
CA SER A 183 -3.68 -40.61 12.60
C SER A 183 -2.50 -40.02 11.84
N LYS A 184 -2.75 -39.22 10.81
CA LYS A 184 -1.71 -38.61 10.01
C LYS A 184 -1.36 -37.20 10.45
N GLN A 185 -1.99 -36.71 11.52
CA GLN A 185 -1.65 -35.38 12.06
C GLN A 185 -0.34 -35.37 12.81
N GLY A 186 0.41 -36.47 12.68
CA GLY A 186 1.65 -36.72 13.38
C GLY A 186 2.82 -36.41 12.48
N GLU A 187 3.35 -37.43 11.79
CA GLU A 187 4.57 -37.26 11.01
C GLU A 187 4.31 -36.41 9.78
N LEU A 188 3.87 -35.20 9.99
CA LEU A 188 3.66 -34.21 8.95
C LEU A 188 4.37 -32.90 9.25
N LEU A 189 4.42 -32.49 10.52
CA LEU A 189 5.21 -31.32 10.89
C LEU A 189 6.70 -31.60 10.78
N ALA A 190 7.10 -32.86 10.96
CA ALA A 190 8.51 -33.21 10.86
C ALA A 190 9.03 -32.94 9.45
N LYS A 191 8.25 -33.28 8.43
CA LYS A 191 8.67 -33.02 7.06
C LYS A 191 8.83 -31.53 6.80
N ALA A 192 7.90 -30.73 7.30
CA ALA A 192 8.00 -29.28 7.12
C ALA A 192 9.24 -28.72 7.80
N MET A 193 9.52 -29.19 9.03
CA MET A 193 10.71 -28.73 9.73
C MET A 193 11.97 -29.13 8.97
N TYR A 194 12.01 -30.37 8.47
CA TYR A 194 13.17 -30.82 7.71
C TYR A 194 13.38 -29.98 6.47
N ALA A 195 12.30 -29.70 5.73
CA ALA A 195 12.40 -28.92 4.52
C ALA A 195 12.87 -27.50 4.81
N LEU A 196 12.33 -26.88 5.87
CA LEU A 196 12.69 -25.50 6.15
C LEU A 196 14.05 -25.37 6.81
N ASN A 197 14.61 -26.45 7.35
CA ASN A 197 15.92 -26.35 7.98
C ASN A 197 17.06 -26.83 7.10
N HIS A 198 17.01 -28.06 6.60
CA HIS A 198 18.19 -28.65 5.96
C HIS A 198 18.24 -28.41 4.46
N PHE A 199 18.05 -27.16 4.04
CA PHE A 199 18.08 -26.81 2.62
C PHE A 199 18.26 -25.30 2.50
N GLU A 200 18.55 -24.85 1.29
CA GLU A 200 18.71 -23.43 1.03
C GLU A 200 17.35 -22.74 1.06
N ARG A 201 17.37 -21.47 1.47
CA ARG A 201 16.17 -20.63 1.47
C ARG A 201 16.38 -19.48 0.50
N GLY A 202 15.44 -19.32 -0.43
CA GLY A 202 15.51 -18.25 -1.40
C GLY A 202 16.72 -18.36 -2.31
N GLU A 203 17.69 -17.48 -2.12
CA GLU A 203 18.89 -17.44 -2.95
C GLU A 203 20.17 -17.40 -2.12
N ASN A 204 20.09 -17.63 -0.81
CA ASN A 204 21.25 -17.56 0.06
C ASN A 204 22.26 -18.64 -0.29
N THR A 205 23.41 -18.63 0.39
CA THR A 205 24.52 -19.52 0.06
C THR A 205 24.56 -20.76 0.92
N LYS A 206 24.25 -20.67 2.21
CA LYS A 206 24.43 -21.77 3.13
C LYS A 206 23.13 -22.05 3.88
N THR A 207 22.95 -23.31 4.26
CA THR A 207 21.77 -23.71 5.01
C THR A 207 21.85 -23.18 6.44
N PRO A 208 20.71 -22.85 7.05
CA PRO A 208 20.72 -22.42 8.45
C PRO A 208 20.76 -23.60 9.40
N ILE A 209 21.58 -24.58 9.08
CA ILE A 209 21.88 -25.68 9.99
C ILE A 209 23.39 -25.79 10.09
N GLN A 210 24.09 -25.27 9.08
CA GLN A 210 25.51 -25.03 9.18
C GLN A 210 25.81 -23.58 9.55
N LYS A 211 24.95 -22.65 9.12
CA LYS A 211 25.10 -21.26 9.54
C LYS A 211 24.94 -21.11 11.05
N HIS A 212 24.36 -22.10 11.71
CA HIS A 212 24.22 -22.10 13.16
C HIS A 212 25.39 -22.77 13.85
N TRP A 213 25.86 -23.91 13.32
CA TRP A 213 26.94 -24.62 13.98
C TRP A 213 28.29 -23.94 13.78
N ARG A 214 28.55 -23.44 12.58
CA ARG A 214 29.84 -22.85 12.24
C ARG A 214 29.63 -21.47 11.66
N PRO A 215 29.31 -20.49 12.50
CA PRO A 215 29.07 -19.12 12.01
C PRO A 215 30.40 -18.43 11.71
N THR A 216 30.30 -17.23 11.13
CA THR A 216 31.46 -16.43 10.77
C THR A 216 31.43 -15.14 11.57
N VAL A 217 32.54 -14.81 12.21
CA VAL A 217 32.66 -13.61 13.02
C VAL A 217 33.89 -12.83 12.54
N LEU A 218 33.70 -11.55 12.25
CA LEU A 218 34.79 -10.71 11.80
C LEU A 218 35.47 -10.02 12.97
N THR A 219 36.62 -9.41 12.70
CA THR A 219 37.39 -8.70 13.71
C THR A 219 37.64 -7.24 13.38
N GLU A 220 37.44 -6.81 12.14
CA GLU A 220 37.62 -5.41 11.77
C GLU A 220 36.85 -5.15 10.49
N GLY A 221 36.54 -3.88 10.27
CA GLY A 221 35.78 -3.47 9.11
C GLY A 221 36.44 -2.34 8.35
N PRO A 222 36.18 -2.27 7.05
CA PRO A 222 36.76 -1.20 6.25
C PRO A 222 36.21 0.15 6.68
N PRO A 223 36.95 1.23 6.45
CA PRO A 223 36.44 2.56 6.78
C PRO A 223 35.14 2.84 6.05
N VAL A 224 34.24 3.57 6.72
CA VAL A 224 32.87 3.73 6.26
C VAL A 224 32.31 5.04 6.79
N LYS A 225 31.55 5.73 5.94
CA LYS A 225 30.90 6.98 6.29
C LYS A 225 29.46 6.71 6.69
N ILE A 226 29.05 7.27 7.83
CA ILE A 226 27.72 7.03 8.40
C ILE A 226 27.03 8.37 8.57
N ARG A 227 25.77 8.43 8.14
CA ARG A 227 24.97 9.63 8.29
C ARG A 227 24.70 9.91 9.76
N ILE A 228 24.65 11.20 10.11
CA ILE A 228 24.33 11.64 11.46
C ILE A 228 23.09 12.51 11.34
N GLU A 229 22.63 13.10 12.46
CA GLU A 229 21.50 14.02 12.42
C GLU A 229 21.71 15.09 11.37
N THR A 230 22.88 15.72 11.37
CA THR A 230 23.22 16.69 10.34
C THR A 230 23.50 15.98 9.03
N GLY A 231 23.56 16.78 7.94
CA GLY A 231 23.83 16.22 6.63
C GLY A 231 25.21 15.62 6.49
N GLU A 232 26.14 16.00 7.36
CA GLU A 232 27.49 15.48 7.28
C GLU A 232 27.51 13.97 7.56
N TRP A 233 28.34 13.26 6.81
CA TRP A 233 28.61 11.84 7.08
C TRP A 233 29.92 11.75 7.85
N GLU A 234 29.86 11.16 9.04
CA GLU A 234 31.05 11.00 9.85
C GLU A 234 31.79 9.73 9.44
N LYS A 235 33.12 9.82 9.40
CA LYS A 235 33.96 8.68 9.05
C LYS A 235 34.85 8.32 10.24
N GLY A 236 35.30 7.08 10.25
CA GLY A 236 36.09 6.57 11.36
C GLY A 236 35.42 5.40 12.05
N TRP A 237 34.30 4.96 11.51
CA TRP A 237 33.58 3.81 12.01
C TRP A 237 33.95 2.58 11.20
N ASN A 238 33.58 1.41 11.72
CA ASN A 238 33.83 0.14 11.04
C ASN A 238 32.55 -0.68 11.02
N VAL A 239 32.18 -1.17 9.85
CA VAL A 239 31.00 -2.03 9.74
C VAL A 239 31.35 -3.44 10.18
N LEU A 240 30.35 -4.15 10.67
CA LEU A 240 30.53 -5.55 11.06
C LEU A 240 29.70 -6.49 10.21
N VAL A 241 28.39 -6.25 10.08
CA VAL A 241 27.53 -6.98 9.17
C VAL A 241 26.69 -5.98 8.40
N TRP A 242 26.23 -6.41 7.23
CA TRP A 242 25.44 -5.54 6.35
C TRP A 242 24.49 -6.44 5.56
N GLY A 243 23.22 -6.42 5.95
CA GLY A 243 22.19 -7.19 5.30
C GLY A 243 21.39 -6.36 4.31
N ARG A 244 20.16 -6.81 4.06
CA ARG A 244 19.30 -6.09 3.12
C ARG A 244 18.94 -4.70 3.64
N GLY A 245 18.63 -4.59 4.93
CA GLY A 245 18.16 -3.33 5.46
C GLY A 245 18.68 -2.95 6.82
N TYR A 246 19.90 -3.36 7.16
CA TYR A 246 20.44 -3.07 8.48
C TYR A 246 21.95 -3.06 8.44
N ALA A 247 22.54 -2.41 9.45
CA ALA A 247 23.99 -2.37 9.61
C ALA A 247 24.32 -2.39 11.10
N ALA A 248 25.53 -2.86 11.40
CA ALA A 248 25.97 -3.17 12.75
C ALA A 248 27.25 -2.43 13.08
N VAL A 249 27.24 -1.11 12.90
CA VAL A 249 28.49 -0.35 12.90
C VAL A 249 29.10 -0.34 14.29
N LYS A 250 30.39 0.00 14.35
CA LYS A 250 31.15 0.03 15.59
C LYS A 250 32.13 1.18 15.57
N ASN A 251 32.31 1.81 16.73
CA ASN A 251 33.24 2.92 16.85
C ASN A 251 34.68 2.44 16.86
N ARG A 252 35.59 3.29 16.38
CA ARG A 252 36.99 2.93 16.31
C ARG A 252 37.66 2.95 17.68
N ASP A 253 37.24 3.86 18.57
CA ASP A 253 37.97 4.11 19.80
C ASP A 253 37.16 3.90 21.07
N THR A 254 35.87 3.55 20.96
CA THR A 254 35.07 3.30 22.15
C THR A 254 34.33 1.97 22.16
N ASP A 255 34.20 1.29 21.01
CA ASP A 255 33.58 -0.03 20.92
C ASP A 255 32.14 0.00 21.45
N LYS A 256 31.31 0.74 20.72
CA LYS A 256 29.91 0.93 21.08
C LYS A 256 29.01 0.49 19.94
N VAL A 257 29.24 -0.73 19.45
CA VAL A 257 28.52 -1.27 18.30
C VAL A 257 27.03 -1.01 18.43
N ILE A 258 26.44 -0.45 17.37
CA ILE A 258 25.02 -0.14 17.32
C ILE A 258 24.45 -0.53 15.96
N TRP A 259 23.17 -0.84 15.96
CA TRP A 259 22.45 -1.22 14.74
C TRP A 259 21.70 -0.02 14.19
N VAL A 260 21.85 0.21 12.89
CA VAL A 260 21.25 1.35 12.23
C VAL A 260 20.64 0.91 10.89
N PRO A 261 19.72 1.70 10.34
CA PRO A 261 19.18 1.38 9.03
C PRO A 261 20.27 1.38 7.97
N SER A 262 20.08 0.56 6.93
CA SER A 262 21.10 0.36 5.91
C SER A 262 21.20 1.54 4.95
N ARG A 263 20.36 2.56 5.07
CA ARG A 263 20.48 3.71 4.18
C ARG A 263 21.62 4.63 4.59
N LYS A 264 21.96 4.65 5.88
CA LYS A 264 22.96 5.59 6.40
C LYS A 264 24.34 4.94 6.47
N VAL A 265 24.84 4.52 5.31
CA VAL A 265 26.15 3.90 5.23
C VAL A 265 26.70 4.00 3.81
N LYS A 266 27.94 4.44 3.67
CA LYS A 266 28.62 4.51 2.39
C LYS A 266 30.07 4.07 2.55
N PRO A 267 30.65 3.47 1.51
CA PRO A 267 32.06 3.07 1.58
C PRO A 267 32.98 4.27 1.59
N ASP A 268 34.22 4.03 2.00
CA ASP A 268 35.24 5.06 2.07
C ASP A 268 36.35 4.78 1.05
N ILE A 269 36.80 5.84 0.39
CA ILE A 269 37.86 5.75 -0.61
C ILE A 269 37.50 4.74 -1.70
N PRO B 57 30.02 -40.31 10.32
CA PRO B 57 28.75 -40.25 11.04
C PRO B 57 27.56 -40.73 10.21
N LEU B 58 26.40 -40.84 10.86
CA LEU B 58 25.14 -41.29 10.23
C LEU B 58 25.36 -42.52 9.35
N GLN B 59 25.86 -43.59 9.97
CA GLN B 59 26.15 -44.84 9.27
C GLN B 59 25.36 -46.02 9.78
N ILE B 60 25.36 -46.26 11.10
CA ILE B 60 24.87 -47.53 11.64
C ILE B 60 23.76 -47.29 12.67
N TRP B 61 22.91 -46.28 12.43
CA TRP B 61 21.81 -45.95 13.33
C TRP B 61 21.11 -47.20 13.87
N GLN B 62 20.90 -47.22 15.18
CA GLN B 62 20.30 -48.36 15.88
C GLN B 62 19.09 -47.88 16.68
N THR B 63 17.95 -48.53 16.47
CA THR B 63 16.76 -48.16 17.22
C THR B 63 16.06 -49.42 17.72
N ASP B 64 15.33 -49.29 18.82
CA ASP B 64 14.83 -50.46 19.53
C ASP B 64 13.66 -50.03 20.41
N PHE B 65 12.85 -51.02 20.80
CA PHE B 65 11.66 -50.83 21.62
C PHE B 65 11.83 -51.43 23.00
N THR B 66 11.32 -50.74 24.02
CA THR B 66 11.48 -51.20 25.40
C THR B 66 10.25 -50.80 26.22
N LEU B 67 9.78 -51.73 27.05
CA LEU B 67 8.62 -51.49 27.89
C LEU B 67 9.02 -50.81 29.20
N GLU B 68 8.13 -49.98 29.73
CA GLU B 68 8.36 -49.30 31.00
C GLU B 68 7.06 -48.89 31.67
N PRO B 69 6.79 -49.37 32.89
CA PRO B 69 5.53 -49.04 33.55
C PRO B 69 5.57 -47.76 34.38
N ARG B 70 6.76 -47.38 34.84
CA ARG B 70 6.89 -46.18 35.68
C ARG B 70 6.74 -44.93 34.83
N MET B 71 5.55 -44.73 34.29
CA MET B 71 5.33 -43.77 33.21
C MET B 71 3.82 -43.57 33.10
N ALA B 72 3.38 -42.94 32.02
CA ALA B 72 1.98 -42.93 31.61
C ALA B 72 1.59 -44.35 31.24
N PRO B 73 0.31 -44.64 30.91
CA PRO B 73 -0.02 -46.00 30.46
C PRO B 73 0.98 -46.52 29.46
N ARG B 74 1.07 -45.87 28.30
CA ARG B 74 2.31 -45.68 27.54
C ARG B 74 3.31 -46.81 27.72
N SER B 75 2.91 -48.04 27.44
CA SER B 75 3.70 -49.21 27.82
C SER B 75 4.92 -49.44 26.95
N TRP B 76 5.33 -48.47 26.12
CA TRP B 76 6.45 -48.68 25.23
C TRP B 76 7.23 -47.39 25.06
N LEU B 77 8.49 -47.54 24.67
CA LEU B 77 9.38 -46.42 24.37
C LEU B 77 10.32 -46.85 23.25
N ALA B 78 10.54 -45.95 22.29
CA ALA B 78 11.43 -46.21 21.17
C ALA B 78 12.68 -45.36 21.31
N VAL B 79 13.84 -46.01 21.25
CA VAL B 79 15.14 -45.36 21.42
C VAL B 79 15.93 -45.51 20.14
N THR B 80 16.79 -44.53 19.88
CA THR B 80 17.65 -44.54 18.71
C THR B 80 18.97 -43.86 19.04
N VAL B 81 20.06 -44.47 18.58
CA VAL B 81 21.42 -44.02 18.87
C VAL B 81 22.27 -44.21 17.61
N ASP B 82 23.15 -43.25 17.36
CA ASP B 82 24.12 -43.33 16.27
C ASP B 82 25.40 -43.95 16.80
N THR B 83 25.95 -44.91 16.06
CA THR B 83 27.21 -45.54 16.46
C THR B 83 28.42 -44.73 15.98
N ALA B 84 28.36 -43.43 16.21
CA ALA B 84 29.49 -42.53 16.02
C ALA B 84 29.14 -41.24 16.73
N SER B 85 29.88 -40.89 17.78
CA SER B 85 29.52 -39.79 18.67
C SER B 85 28.09 -39.99 19.17
N SER B 86 27.91 -41.07 19.93
CA SER B 86 26.60 -41.59 20.28
C SER B 86 25.68 -40.50 20.83
N ALA B 87 24.58 -40.26 20.12
CA ALA B 87 23.53 -39.36 20.56
C ALA B 87 22.23 -40.14 20.66
N ILE B 88 21.41 -39.79 21.64
CA ILE B 88 20.23 -40.58 22.00
C ILE B 88 18.98 -39.77 21.70
N VAL B 89 18.01 -40.41 21.05
CA VAL B 89 16.69 -39.83 20.86
C VAL B 89 15.63 -40.88 21.18
N VAL B 90 14.68 -40.52 22.04
CA VAL B 90 13.66 -41.45 22.50
C VAL B 90 12.29 -40.78 22.36
N THR B 91 11.31 -41.54 21.89
CA THR B 91 9.94 -41.06 21.82
C THR B 91 9.15 -41.59 23.01
N GLN B 92 7.90 -41.15 23.13
CA GLN B 92 7.04 -41.47 24.25
C GLN B 92 5.72 -42.05 23.76
N HIS B 93 5.80 -43.01 22.85
CA HIS B 93 4.62 -43.54 22.20
C HIS B 93 4.02 -44.69 23.02
N GLY B 94 2.74 -44.98 22.78
CA GLY B 94 2.05 -46.06 23.44
C GLY B 94 2.16 -47.41 22.77
N ARG B 95 1.03 -47.98 22.37
CA ARG B 95 0.99 -49.36 21.89
C ARG B 95 1.76 -49.52 20.57
N VAL B 96 2.41 -50.68 20.41
CA VAL B 96 3.31 -50.90 19.29
C VAL B 96 2.54 -50.85 17.98
N THR B 97 3.01 -50.03 17.04
CA THR B 97 2.37 -49.89 15.74
C THR B 97 3.40 -49.48 14.70
N SER B 98 3.24 -50.00 13.49
CA SER B 98 4.12 -49.60 12.39
C SER B 98 4.01 -48.11 12.10
N VAL B 99 2.81 -47.54 12.26
CA VAL B 99 2.66 -46.10 12.09
C VAL B 99 3.51 -45.36 13.12
N ALA B 100 3.53 -45.85 14.36
CA ALA B 100 4.37 -45.24 15.37
C ALA B 100 5.85 -45.39 15.03
N VAL B 101 6.23 -46.54 14.46
CA VAL B 101 7.62 -46.72 14.04
C VAL B 101 7.99 -45.68 12.98
N GLN B 102 7.11 -45.48 12.01
CA GLN B 102 7.35 -44.45 10.99
C GLN B 102 7.45 -43.08 11.62
N HIS B 103 6.58 -42.78 12.59
CA HIS B 103 6.62 -41.49 13.27
C HIS B 103 7.96 -41.29 13.98
N HIS B 104 8.42 -42.33 14.68
CA HIS B 104 9.70 -42.24 15.38
C HIS B 104 10.85 -42.02 14.41
N TRP B 105 10.83 -42.76 13.29
CA TRP B 105 11.91 -42.60 12.31
C TRP B 105 11.89 -41.20 11.71
N ALA B 106 10.71 -40.67 11.42
CA ALA B 106 10.61 -39.32 10.87
C ALA B 106 11.13 -38.28 11.86
N THR B 107 10.76 -38.43 13.13
CA THR B 107 11.26 -37.49 14.14
C THR B 107 12.78 -37.56 14.25
N ALA B 108 13.33 -38.77 14.26
CA ALA B 108 14.78 -38.91 14.34
C ALA B 108 15.46 -38.28 13.13
N ILE B 109 14.91 -38.48 11.94
CA ILE B 109 15.49 -37.87 10.75
C ILE B 109 15.46 -36.36 10.85
N ALA B 110 14.30 -35.81 11.24
CA ALA B 110 14.18 -34.36 11.32
C ALA B 110 15.10 -33.77 12.37
N VAL B 111 15.40 -34.52 13.43
CA VAL B 111 16.25 -33.98 14.49
C VAL B 111 17.74 -34.18 14.23
N LEU B 112 18.13 -35.17 13.42
CA LEU B 112 19.55 -35.44 13.23
C LEU B 112 20.02 -35.24 11.80
N GLY B 113 19.34 -35.81 10.83
CA GLY B 113 19.78 -35.75 9.45
C GLY B 113 19.24 -36.94 8.68
N ARG B 114 19.76 -37.11 7.46
CA ARG B 114 19.38 -38.23 6.63
C ARG B 114 20.43 -39.32 6.77
N PRO B 115 20.13 -40.43 7.43
CA PRO B 115 21.12 -41.50 7.55
C PRO B 115 21.04 -42.50 6.43
N LYS B 116 21.84 -43.54 6.49
CA LYS B 116 21.79 -44.64 5.54
C LYS B 116 22.25 -45.91 6.25
N ALA B 117 21.83 -47.06 5.73
CA ALA B 117 22.18 -48.36 6.28
C ALA B 117 21.75 -48.46 7.76
N ILE B 118 20.44 -48.39 7.94
CA ILE B 118 19.83 -48.45 9.27
C ILE B 118 19.48 -49.90 9.58
N LYS B 119 19.85 -50.35 10.78
CA LYS B 119 19.49 -51.66 11.29
C LYS B 119 18.74 -51.49 12.61
N THR B 120 17.58 -52.12 12.73
CA THR B 120 16.85 -52.10 14.00
C THR B 120 16.66 -53.47 14.61
N ASP B 121 16.03 -54.41 13.91
CA ASP B 121 15.68 -55.72 14.44
C ASP B 121 15.10 -56.55 13.30
N ASN B 122 14.60 -57.74 13.63
CA ASN B 122 13.85 -58.56 12.69
C ASN B 122 12.57 -59.03 13.35
N GLY B 123 11.54 -59.25 12.54
CA GLY B 123 10.25 -59.67 13.05
C GLY B 123 9.40 -58.51 13.55
N SER B 124 8.31 -58.87 14.21
CA SER B 124 7.35 -57.92 14.79
C SER B 124 6.77 -57.07 13.65
N CYS B 125 6.34 -55.85 13.97
CA CYS B 125 5.74 -54.97 12.97
C CYS B 125 6.82 -54.23 12.18
N PHE B 126 7.78 -54.98 11.63
CA PHE B 126 8.84 -54.40 10.82
C PHE B 126 8.90 -54.95 9.40
N THR B 127 8.12 -56.00 9.10
CA THR B 127 8.09 -56.60 7.77
C THR B 127 6.93 -56.09 6.93
N SER B 128 6.23 -55.05 7.41
CA SER B 128 5.09 -54.52 6.67
C SER B 128 5.54 -53.97 5.32
N LYS B 129 4.82 -54.35 4.26
CA LYS B 129 5.13 -53.83 2.94
C LYS B 129 4.90 -52.33 2.87
N SER B 130 3.95 -51.82 3.66
CA SER B 130 3.77 -50.37 3.76
C SER B 130 5.03 -49.70 4.31
N THR B 131 5.62 -50.29 5.36
CA THR B 131 6.86 -49.75 5.89
C THR B 131 7.99 -49.86 4.88
N ARG B 132 8.05 -50.97 4.15
CA ARG B 132 9.07 -51.13 3.12
C ARG B 132 8.95 -50.04 2.07
N GLU B 133 7.73 -49.78 1.60
CA GLU B 133 7.51 -48.73 0.61
C GLU B 133 7.85 -47.36 1.16
N TRP B 134 7.46 -47.10 2.42
CA TRP B 134 7.78 -45.82 3.03
C TRP B 134 9.28 -45.61 3.10
N LEU B 135 10.02 -46.65 3.49
CA LEU B 135 11.47 -46.54 3.55
C LEU B 135 12.06 -46.31 2.16
N ALA B 136 11.58 -47.06 1.17
CA ALA B 136 12.13 -46.95 -0.18
C ALA B 136 11.81 -45.60 -0.81
N ARG B 137 10.71 -44.97 -0.39
CA ARG B 137 10.35 -43.67 -0.96
C ARG B 137 11.45 -42.64 -0.73
N TRP B 138 11.95 -42.55 0.50
CA TRP B 138 13.13 -41.73 0.74
C TRP B 138 14.36 -42.37 0.12
N GLY B 139 14.55 -43.67 0.38
CA GLY B 139 15.64 -44.44 -0.19
C GLY B 139 16.76 -44.58 0.82
N ILE B 140 16.74 -45.68 1.57
CA ILE B 140 17.67 -45.93 2.68
C ILE B 140 18.01 -47.41 2.67
N ALA B 141 19.28 -47.74 2.86
CA ALA B 141 19.66 -49.14 3.05
C ALA B 141 19.12 -49.64 4.38
N HIS B 142 18.56 -50.85 4.37
CA HIS B 142 17.92 -51.43 5.54
C HIS B 142 18.56 -52.78 5.85
N THR B 143 18.82 -53.03 7.13
CA THR B 143 19.43 -54.26 7.59
C THR B 143 18.50 -54.96 8.57
N THR B 144 18.43 -56.28 8.45
CA THR B 144 17.55 -57.12 9.28
C THR B 144 18.29 -57.80 10.41
N GLY B 145 19.25 -57.11 11.02
CA GLY B 145 20.04 -57.70 12.09
C GLY B 145 19.20 -58.05 13.30
N ILE B 146 19.70 -59.00 14.07
CA ILE B 146 19.00 -59.48 15.26
C ILE B 146 19.04 -58.41 16.33
N PRO B 147 17.92 -58.10 17.00
CA PRO B 147 17.96 -57.14 18.11
C PRO B 147 18.85 -57.63 19.24
N GLY B 148 19.68 -56.72 19.75
CA GLY B 148 20.61 -57.04 20.82
C GLY B 148 21.85 -57.73 20.29
N ASN B 149 21.75 -59.04 20.05
CA ASN B 149 22.71 -59.84 19.29
C ASN B 149 24.15 -59.65 19.75
N SER B 150 24.36 -59.04 20.91
CA SER B 150 25.68 -58.63 21.40
C SER B 150 26.41 -57.92 20.25
N GLN B 151 27.64 -58.29 19.92
CA GLN B 151 28.41 -57.75 18.78
C GLN B 151 28.51 -56.23 18.94
N GLY B 152 28.47 -55.47 17.84
CA GLY B 152 28.58 -54.03 17.90
C GLY B 152 27.25 -53.33 17.86
N GLN B 153 26.23 -53.97 18.43
CA GLN B 153 24.89 -53.40 18.50
C GLN B 153 24.47 -53.18 19.95
N ALA B 154 25.25 -53.71 20.89
CA ALA B 154 24.89 -53.75 22.30
C ALA B 154 24.87 -52.38 22.98
N MET B 155 25.38 -51.33 22.33
CA MET B 155 25.31 -50.02 22.98
C MET B 155 23.88 -49.58 23.20
N VAL B 156 22.91 -50.13 22.47
CA VAL B 156 21.51 -49.82 22.76
C VAL B 156 21.16 -50.25 24.18
N GLU B 157 21.48 -51.49 24.53
CA GLU B 157 21.24 -51.96 25.89
C GLU B 157 22.15 -51.26 26.89
N ARG B 158 23.36 -50.90 26.46
CA ARG B 158 24.27 -50.17 27.33
C ARG B 158 23.67 -48.83 27.75
N ALA B 159 23.07 -48.11 26.81
CA ALA B 159 22.47 -46.81 27.09
C ALA B 159 21.07 -46.92 27.69
N ASN B 160 20.38 -48.06 27.50
CA ASN B 160 19.05 -48.20 28.07
C ASN B 160 19.09 -48.11 29.58
N ARG B 161 20.04 -48.80 30.21
CA ARG B 161 20.14 -48.75 31.67
C ARG B 161 20.54 -47.36 32.15
N LEU B 162 21.43 -46.69 31.42
CA LEU B 162 21.78 -45.32 31.78
C LEU B 162 20.56 -44.42 31.75
N LEU B 163 19.76 -44.52 30.69
CA LEU B 163 18.55 -43.71 30.58
C LEU B 163 17.58 -44.05 31.71
N LYS B 164 17.42 -45.32 32.02
CA LYS B 164 16.50 -45.73 33.08
C LYS B 164 16.91 -45.15 34.42
N ASP B 165 18.18 -45.29 34.77
CA ASP B 165 18.63 -44.77 36.07
C ASP B 165 18.53 -43.25 36.11
N LYS B 166 18.90 -42.57 35.01
CA LYS B 166 18.81 -41.12 34.99
C LYS B 166 17.36 -40.66 35.18
N ILE B 167 16.43 -41.30 34.46
CA ILE B 167 15.04 -40.84 34.53
C ILE B 167 14.46 -41.13 35.91
N ARG B 168 14.76 -42.30 36.49
CA ARG B 168 14.23 -42.59 37.81
C ARG B 168 14.81 -41.64 38.85
N VAL B 169 16.09 -41.30 38.75
CA VAL B 169 16.70 -40.38 39.71
C VAL B 169 16.05 -39.01 39.60
N LEU B 170 15.91 -38.50 38.37
CA LEU B 170 15.36 -37.16 38.23
C LEU B 170 13.88 -37.13 38.59
N ALA B 171 13.17 -38.24 38.41
CA ALA B 171 11.77 -38.28 38.81
C ALA B 171 11.64 -38.28 40.32
N GLU B 172 12.41 -39.12 41.01
CA GLU B 172 12.30 -39.20 42.46
C GLU B 172 12.89 -37.97 43.14
N GLY B 173 13.71 -37.18 42.44
CA GLY B 173 14.25 -35.98 43.05
C GLY B 173 13.16 -35.00 43.45
N ASP B 174 12.22 -34.72 42.55
CA ASP B 174 11.15 -33.77 42.82
C ASP B 174 9.88 -34.47 43.31
N GLY B 175 10.01 -35.31 44.34
CA GLY B 175 8.83 -35.99 44.83
C GLY B 175 8.39 -37.12 43.90
N PHE B 176 7.12 -37.51 44.07
CA PHE B 176 6.47 -38.54 43.25
C PHE B 176 7.23 -39.87 43.34
N MET B 177 7.18 -40.45 44.54
CA MET B 177 7.76 -41.77 44.76
C MET B 177 7.23 -42.80 43.77
N LYS B 178 5.90 -42.90 43.66
CA LYS B 178 5.30 -44.04 42.97
C LYS B 178 5.16 -43.81 41.47
N ARG B 179 4.40 -42.80 41.07
CA ARG B 179 4.13 -42.58 39.65
C ARG B 179 3.94 -41.09 39.40
N ILE B 180 4.50 -40.63 38.29
CA ILE B 180 4.41 -39.21 37.93
C ILE B 180 3.01 -38.90 37.42
N PRO B 181 2.44 -37.74 37.71
CA PRO B 181 1.15 -37.37 37.11
C PRO B 181 1.27 -37.21 35.60
N THR B 182 0.11 -37.12 34.95
CA THR B 182 0.08 -37.11 33.49
C THR B 182 0.66 -35.82 32.92
N SER B 183 0.29 -34.67 33.47
CA SER B 183 0.76 -33.40 32.94
C SER B 183 2.06 -32.97 33.62
N LYS B 184 3.01 -33.90 33.70
CA LYS B 184 4.35 -33.61 34.20
C LYS B 184 5.43 -34.37 33.45
N GLN B 185 5.09 -35.01 32.32
CA GLN B 185 5.97 -35.99 31.70
C GLN B 185 6.74 -35.47 30.51
N GLY B 186 6.17 -34.53 29.75
CA GLY B 186 6.85 -34.01 28.59
C GLY B 186 8.16 -33.32 28.93
N GLU B 187 8.13 -32.38 29.86
CA GLU B 187 9.35 -31.70 30.27
C GLU B 187 10.30 -32.64 30.98
N LEU B 188 9.76 -33.60 31.74
CA LEU B 188 10.60 -34.59 32.42
C LEU B 188 11.41 -35.39 31.40
N LEU B 189 10.77 -35.82 30.32
CA LEU B 189 11.48 -36.55 29.28
C LEU B 189 12.43 -35.64 28.51
N ALA B 190 12.02 -34.39 28.28
CA ALA B 190 12.85 -33.47 27.50
C ALA B 190 14.16 -33.15 28.22
N LYS B 191 14.10 -32.99 29.55
CA LYS B 191 15.30 -32.64 30.30
C LYS B 191 16.37 -33.72 30.19
N ALA B 192 15.95 -34.98 30.10
CA ALA B 192 16.91 -36.07 29.96
C ALA B 192 17.69 -35.96 28.65
N MET B 193 17.01 -35.56 27.57
CA MET B 193 17.70 -35.35 26.29
C MET B 193 18.88 -34.42 26.47
N TYR B 194 18.63 -33.25 27.06
CA TYR B 194 19.71 -32.27 27.22
C TYR B 194 20.79 -32.79 28.15
N ALA B 195 20.38 -33.36 29.29
CA ALA B 195 21.34 -33.83 30.27
C ALA B 195 22.25 -34.93 29.70
N LEU B 196 21.74 -35.71 28.75
CA LEU B 196 22.54 -36.79 28.19
C LEU B 196 23.32 -36.38 26.94
N ASN B 197 22.86 -35.37 26.22
CA ASN B 197 23.49 -35.03 24.95
C ASN B 197 24.28 -33.72 24.97
N HIS B 198 24.33 -33.01 26.09
CA HIS B 198 25.15 -31.80 26.14
C HIS B 198 26.29 -31.88 27.14
N PHE B 199 26.59 -33.07 27.67
CA PHE B 199 27.68 -33.24 28.62
C PHE B 199 28.46 -34.50 28.26
N GLU B 200 29.72 -34.52 28.68
CA GLU B 200 30.57 -35.68 28.46
C GLU B 200 29.96 -36.91 29.13
N ARG B 201 30.03 -38.05 28.45
CA ARG B 201 29.31 -39.24 28.90
C ARG B 201 29.81 -39.68 30.26
N GLY B 202 31.02 -40.21 30.35
CA GLY B 202 31.67 -40.32 31.63
C GLY B 202 33.18 -40.23 31.63
N GLU B 203 33.80 -40.19 30.45
CA GLU B 203 35.25 -40.17 30.37
C GLU B 203 35.83 -39.28 29.29
N ASN B 204 35.05 -38.83 28.31
CA ASN B 204 35.61 -38.08 27.19
C ASN B 204 35.72 -36.61 27.53
N THR B 205 36.56 -35.90 26.77
CA THR B 205 36.67 -34.46 26.85
C THR B 205 35.84 -33.74 25.81
N LYS B 206 35.13 -34.49 24.96
CA LYS B 206 34.31 -33.91 23.90
C LYS B 206 32.91 -34.48 23.99
N THR B 207 31.91 -33.60 23.91
CA THR B 207 30.53 -34.04 23.95
C THR B 207 30.16 -34.79 22.68
N PRO B 208 29.14 -35.64 22.74
CA PRO B 208 28.66 -36.29 21.51
C PRO B 208 28.23 -35.29 20.46
N ILE B 209 27.59 -34.19 20.87
CA ILE B 209 27.16 -33.19 19.89
C ILE B 209 28.37 -32.55 19.21
N GLN B 210 29.44 -32.32 19.98
CA GLN B 210 30.67 -31.78 19.38
C GLN B 210 31.26 -32.78 18.40
N LYS B 211 31.41 -34.02 18.83
CA LYS B 211 32.01 -35.03 17.96
C LYS B 211 31.14 -35.33 16.74
N HIS B 212 29.85 -34.98 16.79
CA HIS B 212 28.98 -35.20 15.66
C HIS B 212 28.91 -34.02 14.70
N TRP B 213 29.01 -32.78 15.20
CA TRP B 213 28.82 -31.62 14.35
C TRP B 213 30.10 -30.89 13.99
N ARG B 214 31.21 -31.13 14.69
CA ARG B 214 32.47 -30.46 14.44
C ARG B 214 32.31 -28.94 14.47
N PRO B 215 31.99 -28.35 15.61
CA PRO B 215 31.81 -26.89 15.66
C PRO B 215 33.12 -26.17 15.41
N THR B 216 33.00 -24.97 14.85
CA THR B 216 34.15 -24.13 14.57
C THR B 216 33.68 -22.70 14.37
N VAL B 217 34.63 -21.78 14.38
CA VAL B 217 34.38 -20.36 14.19
C VAL B 217 35.27 -19.86 13.07
N LEU B 218 34.69 -19.14 12.11
CA LEU B 218 35.41 -18.62 10.96
C LEU B 218 35.48 -17.10 11.02
N THR B 219 36.52 -16.55 10.38
CA THR B 219 36.69 -15.11 10.33
C THR B 219 37.09 -14.59 8.96
N GLU B 220 37.22 -15.45 7.95
CA GLU B 220 37.63 -15.03 6.61
C GLU B 220 36.70 -15.64 5.57
N GLY B 221 36.53 -14.93 4.47
CA GLY B 221 35.66 -15.36 3.41
C GLY B 221 36.35 -16.26 2.41
N PRO B 222 35.61 -16.70 1.39
CA PRO B 222 36.16 -17.61 0.39
C PRO B 222 37.06 -16.85 -0.58
N PRO B 223 37.93 -17.56 -1.30
CA PRO B 223 38.72 -16.91 -2.35
C PRO B 223 37.83 -16.37 -3.45
N VAL B 224 38.21 -15.23 -4.01
CA VAL B 224 37.40 -14.53 -4.99
C VAL B 224 38.30 -14.01 -6.11
N LYS B 225 37.90 -14.22 -7.36
CA LYS B 225 38.67 -13.76 -8.50
C LYS B 225 38.44 -12.28 -8.71
N ILE B 226 39.53 -11.54 -8.94
CA ILE B 226 39.50 -10.08 -9.05
C ILE B 226 40.03 -9.68 -10.42
N ARG B 227 39.29 -8.82 -11.12
CA ARG B 227 39.73 -8.26 -12.37
C ARG B 227 40.53 -7.00 -12.13
N ILE B 228 41.66 -6.86 -12.84
CA ILE B 228 42.52 -5.70 -12.71
C ILE B 228 42.55 -4.99 -14.06
N GLU B 229 43.28 -3.87 -14.14
CA GLU B 229 43.22 -3.03 -15.34
C GLU B 229 44.09 -3.58 -16.46
N THR B 230 43.90 -4.85 -16.79
CA THR B 230 44.52 -5.45 -17.96
C THR B 230 43.58 -6.40 -18.72
N GLY B 231 42.33 -6.51 -18.30
CA GLY B 231 41.37 -7.42 -18.91
C GLY B 231 41.33 -8.79 -18.26
N GLU B 232 42.48 -9.29 -17.82
CA GLU B 232 42.55 -10.59 -17.19
C GLU B 232 42.08 -10.51 -15.73
N TRP B 233 42.16 -11.63 -15.04
CA TRP B 233 41.68 -11.75 -13.67
C TRP B 233 42.84 -12.10 -12.74
N GLU B 234 43.02 -11.31 -11.70
CA GLU B 234 44.05 -11.59 -10.71
C GLU B 234 43.59 -12.66 -9.74
N LYS B 235 44.54 -13.28 -9.06
CA LYS B 235 44.28 -14.39 -8.16
C LYS B 235 44.90 -14.13 -6.79
N GLY B 236 44.23 -14.62 -5.75
CA GLY B 236 44.78 -14.59 -4.41
C GLY B 236 44.21 -13.51 -3.51
N TRP B 237 42.90 -13.30 -3.56
CA TRP B 237 42.23 -12.30 -2.74
C TRP B 237 40.98 -12.90 -2.12
N ASN B 238 40.57 -12.32 -0.99
CA ASN B 238 39.40 -12.79 -0.25
C ASN B 238 38.36 -11.68 -0.18
N VAL B 239 37.09 -12.10 -0.17
CA VAL B 239 35.97 -11.17 -0.17
C VAL B 239 35.71 -10.70 1.25
N LEU B 240 34.89 -9.67 1.41
CA LEU B 240 34.45 -9.20 2.71
C LEU B 240 33.02 -8.70 2.56
N VAL B 241 32.58 -7.86 3.51
CA VAL B 241 31.23 -7.33 3.55
C VAL B 241 30.75 -6.89 2.17
N TRP B 242 29.60 -7.40 1.75
CA TRP B 242 29.04 -7.10 0.43
C TRP B 242 28.25 -5.80 0.54
N GLY B 243 28.94 -4.68 0.35
CA GLY B 243 28.31 -3.39 0.43
C GLY B 243 27.45 -3.09 -0.79
N ARG B 244 26.86 -1.90 -0.77
CA ARG B 244 26.02 -1.44 -1.87
C ARG B 244 26.89 -1.14 -3.07
N GLY B 245 26.72 -1.92 -4.14
CA GLY B 245 27.53 -1.74 -5.33
C GLY B 245 28.93 -2.32 -5.18
N TYR B 246 29.66 -1.86 -4.17
CA TYR B 246 31.02 -2.31 -3.97
C TYR B 246 31.06 -3.66 -3.25
N ALA B 247 32.18 -4.35 -3.42
CA ALA B 247 32.37 -5.72 -2.94
C ALA B 247 33.72 -5.85 -2.25
N ALA B 248 33.97 -4.97 -1.27
CA ALA B 248 35.27 -4.81 -0.63
C ALA B 248 36.01 -6.12 -0.42
N VAL B 249 37.31 -6.10 -0.72
CA VAL B 249 38.15 -7.29 -0.63
C VAL B 249 39.41 -6.99 0.16
N LYS B 250 40.07 -8.08 0.57
CA LYS B 250 41.29 -8.05 1.34
C LYS B 250 42.31 -8.98 0.69
N ASN B 251 43.58 -8.65 0.85
CA ASN B 251 44.64 -9.51 0.34
C ASN B 251 44.84 -10.72 1.24
N ARG B 252 45.39 -11.78 0.66
CA ARG B 252 45.63 -13.00 1.43
C ARG B 252 46.77 -12.84 2.41
N ASP B 253 47.81 -12.07 2.05
CA ASP B 253 49.03 -12.07 2.84
C ASP B 253 49.49 -10.66 3.23
N THR B 254 49.19 -9.67 2.40
CA THR B 254 49.66 -8.31 2.69
C THR B 254 48.68 -7.50 3.52
N ASP B 255 47.48 -8.03 3.77
CA ASP B 255 46.48 -7.40 4.64
C ASP B 255 46.13 -5.99 4.17
N LYS B 256 45.57 -5.92 2.97
CA LYS B 256 45.04 -4.67 2.43
C LYS B 256 43.52 -4.70 2.49
N VAL B 257 42.92 -3.52 2.37
CA VAL B 257 41.48 -3.39 2.19
C VAL B 257 41.25 -2.50 0.97
N ILE B 258 40.32 -2.90 0.12
CA ILE B 258 40.03 -2.10 -1.07
C ILE B 258 38.60 -2.35 -1.52
N TRP B 259 37.86 -1.26 -1.76
CA TRP B 259 36.53 -1.35 -2.33
C TRP B 259 36.63 -1.46 -3.85
N VAL B 260 35.85 -2.37 -4.42
CA VAL B 260 35.92 -2.63 -5.85
C VAL B 260 34.49 -2.77 -6.40
N PRO B 261 34.19 -2.22 -7.58
CA PRO B 261 32.86 -2.39 -8.16
C PRO B 261 32.53 -3.85 -8.40
N SER B 262 31.25 -4.17 -8.29
CA SER B 262 30.82 -5.57 -8.35
C SER B 262 31.13 -6.18 -9.70
N ARG B 263 30.91 -5.44 -10.79
CA ARG B 263 31.15 -5.99 -12.12
C ARG B 263 32.62 -6.21 -12.41
N LYS B 264 33.52 -5.70 -11.58
CA LYS B 264 34.97 -5.89 -11.77
C LYS B 264 35.52 -7.02 -10.92
N VAL B 265 34.66 -7.91 -10.43
CA VAL B 265 35.08 -8.98 -9.53
C VAL B 265 34.08 -10.12 -9.65
N LYS B 266 34.59 -11.35 -9.66
CA LYS B 266 33.77 -12.53 -9.88
C LYS B 266 34.15 -13.61 -8.87
N PRO B 267 33.27 -14.58 -8.65
CA PRO B 267 33.65 -15.72 -7.79
C PRO B 267 34.82 -16.48 -8.36
N ASP B 268 35.66 -16.99 -7.46
CA ASP B 268 36.82 -17.77 -7.84
C ASP B 268 36.40 -19.21 -8.13
N ILE B 269 37.40 -20.06 -8.40
CA ILE B 269 37.14 -21.47 -8.67
C ILE B 269 36.69 -22.17 -7.40
N GLY C 221 -14.80 -22.74 -22.87
CA GLY C 221 -14.22 -21.53 -22.32
C GLY C 221 -13.06 -21.80 -21.39
N PRO C 222 -12.02 -20.97 -21.47
CA PRO C 222 -10.85 -21.14 -20.60
C PRO C 222 -11.22 -20.99 -19.15
N PRO C 223 -10.84 -21.93 -18.30
CA PRO C 223 -11.20 -21.85 -16.88
C PRO C 223 -10.34 -20.81 -16.16
N VAL C 224 -11.01 -19.89 -15.48
CA VAL C 224 -10.36 -18.84 -14.70
C VAL C 224 -10.93 -18.88 -13.29
N LYS C 225 -10.29 -18.11 -12.40
CA LYS C 225 -10.64 -18.11 -10.99
C LYS C 225 -10.86 -16.69 -10.51
N ILE C 226 -11.88 -16.50 -9.67
CA ILE C 226 -12.42 -15.18 -9.37
C ILE C 226 -12.22 -14.86 -7.88
N ARG C 227 -12.53 -13.62 -7.54
CA ARG C 227 -12.17 -12.99 -6.27
C ARG C 227 -13.41 -12.35 -5.67
N ILE C 228 -13.97 -12.96 -4.63
CA ILE C 228 -15.10 -12.40 -3.91
C ILE C 228 -14.59 -11.47 -2.81
N GLU C 229 -15.50 -10.66 -2.27
CA GLU C 229 -15.11 -9.62 -1.34
C GLU C 229 -14.44 -10.14 -0.07
N THR C 230 -14.61 -11.42 0.27
CA THR C 230 -13.90 -11.97 1.42
C THR C 230 -12.57 -12.61 1.03
N GLY C 231 -11.79 -11.89 0.22
CA GLY C 231 -10.42 -12.27 -0.13
C GLY C 231 -10.15 -13.74 -0.34
N GLU C 232 -11.01 -14.42 -1.11
CA GLU C 232 -10.90 -15.86 -1.26
C GLU C 232 -11.12 -16.18 -2.73
N TRP C 233 -10.26 -17.03 -3.30
CA TRP C 233 -10.22 -17.29 -4.73
C TRP C 233 -11.10 -18.50 -5.05
N GLU C 234 -12.20 -18.27 -5.75
CA GLU C 234 -13.11 -19.34 -6.16
C GLU C 234 -12.76 -19.86 -7.55
N LYS C 235 -12.91 -21.17 -7.74
CA LYS C 235 -12.68 -21.82 -9.00
C LYS C 235 -14.02 -22.24 -9.60
N GLY C 236 -13.96 -22.89 -10.77
CA GLY C 236 -15.16 -23.37 -11.41
C GLY C 236 -15.91 -22.35 -12.25
N TRP C 237 -15.18 -21.45 -12.91
CA TRP C 237 -15.80 -20.43 -13.75
C TRP C 237 -15.11 -20.38 -15.10
N ASN C 238 -15.88 -19.98 -16.11
CA ASN C 238 -15.35 -19.79 -17.46
C ASN C 238 -15.79 -18.43 -17.99
N VAL C 239 -14.95 -17.85 -18.82
CA VAL C 239 -15.25 -16.56 -19.43
C VAL C 239 -16.05 -16.81 -20.71
N LEU C 240 -16.88 -15.84 -21.07
CA LEU C 240 -17.62 -15.89 -22.32
C LEU C 240 -17.20 -14.79 -23.29
N VAL C 241 -17.27 -13.53 -22.89
CA VAL C 241 -16.86 -12.42 -23.74
C VAL C 241 -16.16 -11.39 -22.88
N TRP C 242 -15.10 -10.79 -23.41
CA TRP C 242 -14.37 -9.74 -22.73
C TRP C 242 -14.68 -8.40 -23.39
N GLY C 243 -14.10 -7.34 -22.82
CA GLY C 243 -14.27 -6.01 -23.36
C GLY C 243 -12.99 -5.20 -23.24
N ARG C 244 -13.10 -3.99 -22.71
CA ARG C 244 -11.97 -3.09 -22.53
C ARG C 244 -11.66 -2.86 -21.06
N GLY C 245 -11.94 -3.86 -20.22
CA GLY C 245 -11.76 -3.71 -18.79
C GLY C 245 -12.82 -4.41 -17.98
N TYR C 246 -13.79 -5.02 -18.66
CA TYR C 246 -14.83 -5.80 -18.03
C TYR C 246 -14.99 -7.13 -18.76
N ALA C 247 -15.42 -8.15 -18.04
CA ALA C 247 -15.53 -9.48 -18.62
C ALA C 247 -16.84 -10.13 -18.20
N ALA C 248 -17.28 -11.09 -19.02
CA ALA C 248 -18.48 -11.87 -18.73
C ALA C 248 -18.06 -13.23 -18.21
N VAL C 249 -18.55 -13.59 -17.03
CA VAL C 249 -18.14 -14.79 -16.32
C VAL C 249 -19.36 -15.65 -16.04
N LYS C 250 -19.21 -16.97 -16.22
CA LYS C 250 -20.28 -17.94 -16.04
C LYS C 250 -19.78 -19.08 -15.17
N ASN C 251 -20.66 -19.61 -14.33
CA ASN C 251 -20.28 -20.72 -13.46
C ASN C 251 -20.16 -22.01 -14.28
N ARG C 252 -19.52 -23.02 -13.67
CA ARG C 252 -19.24 -24.26 -14.38
C ARG C 252 -20.52 -25.02 -14.74
N ASP C 253 -21.41 -25.22 -13.78
CA ASP C 253 -22.66 -25.98 -13.98
C ASP C 253 -23.84 -25.30 -13.34
N THR C 254 -23.67 -24.12 -12.75
CA THR C 254 -24.73 -23.33 -12.09
C THR C 254 -24.76 -21.92 -12.69
N ASP C 255 -24.90 -21.85 -14.01
CA ASP C 255 -24.74 -20.61 -14.76
C ASP C 255 -25.61 -19.48 -14.21
N LYS C 256 -24.96 -18.47 -13.64
CA LYS C 256 -25.52 -17.18 -13.23
C LYS C 256 -24.74 -16.05 -13.88
N VAL C 257 -24.60 -16.14 -15.21
CA VAL C 257 -23.75 -15.26 -16.01
C VAL C 257 -23.82 -13.82 -15.53
N ILE C 258 -22.65 -13.22 -15.27
CA ILE C 258 -22.56 -11.88 -14.72
C ILE C 258 -21.37 -11.16 -15.34
N TRP C 259 -21.28 -9.87 -15.05
CA TRP C 259 -20.12 -9.07 -15.43
C TRP C 259 -19.18 -8.94 -14.25
N VAL C 260 -17.91 -8.68 -14.55
CA VAL C 260 -16.87 -8.63 -13.52
C VAL C 260 -15.77 -7.67 -13.96
N PRO C 261 -15.20 -6.88 -13.04
CA PRO C 261 -14.06 -6.03 -13.40
C PRO C 261 -12.86 -6.88 -13.79
N SER C 262 -11.98 -6.28 -14.60
CA SER C 262 -10.84 -7.01 -15.14
C SER C 262 -9.91 -7.48 -14.02
N ARG C 263 -9.67 -6.64 -13.01
CA ARG C 263 -8.68 -6.97 -12.00
C ARG C 263 -9.25 -7.90 -10.94
N LYS C 264 -9.96 -8.95 -11.38
CA LYS C 264 -10.41 -9.97 -10.43
C LYS C 264 -10.37 -11.38 -11.01
N VAL C 265 -9.59 -11.60 -12.06
CA VAL C 265 -9.57 -12.89 -12.76
C VAL C 265 -8.14 -13.39 -12.82
N LYS C 266 -7.93 -14.64 -12.44
CA LYS C 266 -6.62 -15.26 -12.49
C LYS C 266 -6.69 -16.54 -13.33
N PRO C 267 -5.83 -16.69 -14.33
CA PRO C 267 -5.80 -17.96 -15.06
C PRO C 267 -5.31 -19.10 -14.18
N ASP C 268 -5.77 -20.30 -14.49
CA ASP C 268 -5.49 -21.48 -13.68
C ASP C 268 -4.69 -22.50 -14.49
N ILE C 269 -4.30 -23.57 -13.81
CA ILE C 269 -3.54 -24.66 -14.41
C ILE C 269 -2.27 -24.14 -15.08
N GLY D 221 -6.65 -16.46 -33.72
CA GLY D 221 -6.29 -15.62 -34.84
C GLY D 221 -5.35 -16.30 -35.82
N PRO D 222 -4.23 -15.65 -36.13
CA PRO D 222 -3.27 -16.26 -37.05
C PRO D 222 -2.62 -17.45 -36.41
N PRO D 223 -2.21 -18.43 -37.17
CA PRO D 223 -1.43 -19.56 -36.69
C PRO D 223 -0.26 -19.09 -35.80
N VAL D 224 0.10 -19.93 -34.82
CA VAL D 224 1.21 -19.66 -33.92
C VAL D 224 1.92 -20.97 -33.60
N LYS D 225 3.15 -20.86 -33.12
CA LYS D 225 3.96 -22.01 -32.75
C LYS D 225 4.39 -21.89 -31.29
N ILE D 226 4.27 -22.99 -30.55
CA ILE D 226 4.62 -23.00 -29.13
C ILE D 226 5.66 -24.08 -28.88
N ARG D 227 6.23 -24.10 -27.67
CA ARG D 227 7.27 -25.05 -27.28
C ARG D 227 6.64 -26.13 -26.41
N ILE D 228 6.44 -27.31 -27.01
CA ILE D 228 5.97 -28.47 -26.27
C ILE D 228 7.16 -29.11 -25.56
N GLU D 229 6.88 -30.09 -24.69
CA GLU D 229 7.94 -30.67 -23.86
C GLU D 229 9.11 -31.19 -24.69
N THR D 230 8.86 -31.70 -25.90
CA THR D 230 9.93 -32.05 -26.81
C THR D 230 10.16 -30.90 -27.79
N GLY D 231 10.74 -29.83 -27.25
CA GLY D 231 10.74 -28.50 -27.86
C GLY D 231 10.92 -28.40 -29.36
N GLU D 232 9.90 -27.79 -30.02
CA GLU D 232 10.08 -27.48 -31.42
C GLU D 232 8.93 -26.46 -31.73
N TRP D 233 8.90 -25.94 -32.96
CA TRP D 233 7.86 -25.02 -33.42
C TRP D 233 6.94 -25.75 -34.38
N GLU D 234 5.66 -25.83 -34.02
CA GLU D 234 4.67 -26.57 -34.79
C GLU D 234 3.43 -25.70 -34.99
N LYS D 235 2.49 -26.19 -35.78
CA LYS D 235 1.36 -25.40 -36.25
C LYS D 235 0.06 -25.98 -35.72
N GLY D 236 -1.06 -25.43 -36.20
CA GLY D 236 -2.37 -25.88 -35.77
C GLY D 236 -2.90 -25.17 -34.55
N TRP D 237 -2.38 -24.00 -34.21
CA TRP D 237 -2.74 -23.28 -33.00
C TRP D 237 -3.14 -21.86 -33.36
N ASN D 238 -4.27 -21.40 -32.82
CA ASN D 238 -4.76 -20.04 -33.04
C ASN D 238 -4.75 -19.27 -31.72
N VAL D 239 -4.24 -18.05 -31.76
CA VAL D 239 -4.16 -17.19 -30.59
C VAL D 239 -5.30 -16.19 -30.63
N LEU D 240 -6.04 -16.09 -29.52
CA LEU D 240 -7.10 -15.10 -29.40
C LEU D 240 -6.49 -13.79 -28.94
N VAL D 241 -7.32 -12.87 -28.46
CA VAL D 241 -6.82 -11.69 -27.76
C VAL D 241 -5.78 -12.12 -26.73
N TRP D 242 -4.59 -11.53 -26.82
CA TRP D 242 -3.45 -11.99 -26.07
C TRP D 242 -3.52 -11.38 -24.67
N GLY D 243 -2.48 -11.61 -23.86
CA GLY D 243 -2.41 -11.06 -22.53
C GLY D 243 -1.00 -11.18 -22.00
N ARG D 244 -0.49 -10.13 -21.36
CA ARG D 244 0.91 -10.17 -20.94
C ARG D 244 1.11 -11.24 -19.90
N GLY D 245 2.22 -11.96 -20.01
CA GLY D 245 2.48 -13.05 -19.08
C GLY D 245 2.00 -14.39 -19.62
N TYR D 246 0.80 -14.80 -19.23
CA TYR D 246 0.23 -16.06 -19.69
C TYR D 246 -0.85 -15.79 -20.72
N ALA D 247 -0.94 -16.66 -21.72
CA ALA D 247 -1.85 -16.53 -22.85
C ALA D 247 -2.69 -17.79 -23.00
N ALA D 248 -3.68 -17.72 -23.88
CA ALA D 248 -4.49 -18.87 -24.23
C ALA D 248 -4.43 -19.10 -25.73
N VAL D 249 -4.57 -20.37 -26.12
CA VAL D 249 -4.45 -20.76 -27.52
C VAL D 249 -5.39 -21.93 -27.75
N LYS D 250 -5.94 -22.00 -28.98
CA LYS D 250 -6.95 -22.99 -29.31
C LYS D 250 -6.49 -23.86 -30.48
N ASN D 251 -7.12 -25.03 -30.58
CA ASN D 251 -6.89 -25.98 -31.65
C ASN D 251 -7.81 -25.68 -32.84
N ARG D 252 -7.52 -26.34 -33.97
CA ARG D 252 -8.33 -26.22 -35.16
C ARG D 252 -9.40 -27.31 -35.22
N ASP D 253 -9.00 -28.57 -35.05
CA ASP D 253 -9.91 -29.69 -35.12
C ASP D 253 -10.49 -30.05 -33.75
N THR D 254 -9.64 -30.21 -32.74
CA THR D 254 -10.13 -30.53 -31.41
C THR D 254 -10.70 -29.30 -30.69
N ASP D 255 -10.33 -28.10 -31.13
CA ASP D 255 -10.83 -26.84 -30.54
C ASP D 255 -10.61 -26.83 -29.03
N LYS D 256 -9.37 -27.09 -28.64
CA LYS D 256 -9.00 -27.27 -27.24
C LYS D 256 -8.09 -26.11 -26.84
N VAL D 257 -8.48 -25.39 -25.79
CA VAL D 257 -7.82 -24.15 -25.38
C VAL D 257 -6.93 -24.41 -24.17
N ILE D 258 -5.74 -23.83 -24.18
CA ILE D 258 -4.77 -24.01 -23.11
C ILE D 258 -4.08 -22.69 -22.80
N TRP D 259 -3.54 -22.62 -21.59
CA TRP D 259 -2.76 -21.47 -21.12
C TRP D 259 -1.27 -21.79 -21.22
N VAL D 260 -0.53 -20.90 -21.87
CA VAL D 260 0.91 -21.05 -22.10
C VAL D 260 1.61 -19.75 -21.74
N PRO D 261 2.79 -19.80 -21.10
CA PRO D 261 3.51 -18.56 -20.79
C PRO D 261 3.94 -17.82 -22.05
N SER D 262 4.49 -16.61 -21.82
CA SER D 262 4.70 -15.66 -22.91
C SER D 262 5.86 -16.08 -23.81
N ARG D 263 7.03 -16.30 -23.23
CA ARG D 263 8.23 -16.53 -24.04
C ARG D 263 8.20 -17.84 -24.81
N LYS D 264 7.26 -18.74 -24.52
CA LYS D 264 7.18 -20.03 -25.19
C LYS D 264 6.35 -20.00 -26.46
N VAL D 265 5.87 -18.77 -26.94
CA VAL D 265 4.94 -18.98 -28.03
C VAL D 265 5.64 -17.86 -29.04
N LYS D 266 5.44 -18.06 -30.35
CA LYS D 266 5.93 -17.18 -31.41
C LYS D 266 4.93 -17.17 -32.56
N PRO D 267 4.61 -16.01 -33.12
CA PRO D 267 3.68 -15.96 -34.26
C PRO D 267 4.23 -16.74 -35.45
N ASP D 268 3.34 -17.44 -36.14
CA ASP D 268 3.74 -18.25 -37.28
C ASP D 268 4.00 -17.38 -38.50
N ILE D 269 2.99 -16.65 -38.95
CA ILE D 269 3.12 -15.77 -40.11
C ILE D 269 2.84 -14.33 -39.70
N PRO E 1 22.52 -36.08 -12.38
CA PRO E 1 21.52 -36.62 -11.45
C PRO E 1 20.14 -35.98 -11.60
N LEU E 2 19.31 -36.54 -12.48
CA LEU E 2 18.00 -35.99 -12.77
C LEU E 2 16.85 -36.82 -12.21
N ARG E 3 16.97 -38.16 -12.31
CA ARG E 3 15.88 -39.02 -11.87
C ARG E 3 15.50 -38.75 -10.43
N GLU E 4 16.50 -38.55 -9.57
CA GLU E 4 16.24 -38.22 -8.18
C GLU E 4 15.48 -36.91 -8.06
N ALA E 5 15.86 -35.92 -8.87
CA ALA E 5 15.24 -34.60 -8.80
C ALA E 5 13.79 -34.61 -9.26
N LYS E 6 13.42 -35.52 -10.18
CA LYS E 6 12.02 -35.63 -10.55
C LYS E 6 11.14 -35.92 -9.35
N ASP E 7 11.56 -36.87 -8.50
CA ASP E 7 10.74 -37.21 -7.35
C ASP E 7 11.00 -36.32 -6.15
N LEU E 8 12.15 -35.64 -6.11
CA LEU E 8 12.45 -34.78 -4.97
C LEU E 8 11.44 -33.64 -4.85
N HIS E 9 11.11 -33.02 -5.98
CA HIS E 9 10.12 -31.94 -5.90
C HIS E 9 8.75 -32.47 -5.48
N THR E 10 8.33 -33.60 -6.06
CA THR E 10 7.05 -34.19 -5.66
C THR E 10 7.03 -34.47 -4.18
N ALA E 11 8.15 -34.90 -3.61
CA ALA E 11 8.19 -35.24 -2.19
C ALA E 11 8.23 -34.00 -1.31
N LEU E 12 8.95 -32.96 -1.72
CA LEU E 12 9.27 -31.87 -0.78
C LEU E 12 8.83 -30.50 -1.23
N HIS E 13 8.93 -30.18 -2.53
CA HIS E 13 8.67 -28.84 -3.06
C HIS E 13 9.62 -27.82 -2.41
N ILE E 14 10.90 -28.00 -2.73
CA ILE E 14 11.98 -27.25 -2.09
C ILE E 14 12.27 -25.95 -2.82
N GLY E 15 12.73 -26.03 -4.07
CA GLY E 15 13.10 -24.85 -4.82
C GLY E 15 14.15 -25.12 -5.88
N PRO E 16 14.23 -24.22 -6.88
CA PRO E 16 15.10 -24.49 -8.03
C PRO E 16 16.58 -24.41 -7.70
N ARG E 17 17.00 -23.38 -6.97
CA ARG E 17 18.41 -23.26 -6.60
C ARG E 17 18.85 -24.43 -5.74
N ALA E 18 18.01 -24.83 -4.78
CA ALA E 18 18.34 -25.97 -3.94
C ALA E 18 18.42 -27.25 -4.75
N LEU E 19 17.49 -27.45 -5.68
CA LEU E 19 17.53 -28.63 -6.53
C LEU E 19 18.81 -28.66 -7.35
N SER E 20 19.17 -27.51 -7.93
CA SER E 20 20.39 -27.45 -8.74
C SER E 20 21.62 -27.76 -7.90
N LYS E 21 21.69 -27.21 -6.69
CA LYS E 21 22.86 -27.43 -5.86
C LYS E 21 22.91 -28.85 -5.28
N ALA E 22 21.77 -29.51 -5.12
CA ALA E 22 21.75 -30.85 -4.55
C ALA E 22 21.76 -31.95 -5.60
N CYS E 23 21.57 -31.63 -6.87
CA CYS E 23 21.57 -32.66 -7.91
C CYS E 23 22.51 -32.35 -9.06
N ASN E 24 23.30 -31.27 -8.96
CA ASN E 24 24.30 -30.91 -9.98
C ASN E 24 23.67 -30.77 -11.36
N ILE E 25 22.50 -30.14 -11.41
CA ILE E 25 21.80 -29.88 -12.66
C ILE E 25 21.79 -28.38 -12.90
N SER E 26 21.84 -28.00 -14.17
CA SER E 26 21.89 -26.59 -14.53
C SER E 26 20.61 -25.88 -14.10
N MET E 27 20.73 -24.56 -13.90
CA MET E 27 19.61 -23.76 -13.43
C MET E 27 18.47 -23.76 -14.45
N GLN E 28 18.81 -23.68 -15.74
CA GLN E 28 17.78 -23.70 -16.77
C GLN E 28 17.00 -25.01 -16.74
N GLN E 29 17.72 -26.13 -16.63
CA GLN E 29 17.06 -27.43 -16.58
C GLN E 29 16.22 -27.56 -15.32
N ALA E 30 16.70 -27.06 -14.19
CA ALA E 30 15.93 -27.12 -12.96
C ALA E 30 14.65 -26.31 -13.07
N ARG E 31 14.74 -25.10 -13.62
CA ARG E 31 13.55 -24.28 -13.80
C ARG E 31 12.56 -24.94 -14.74
N GLU E 32 13.06 -25.55 -15.82
CA GLU E 32 12.20 -26.25 -16.75
C GLU E 32 11.52 -27.44 -16.07
N VAL E 33 12.26 -28.20 -15.27
CA VAL E 33 11.72 -29.42 -14.69
C VAL E 33 10.71 -29.10 -13.60
N VAL E 34 10.84 -27.96 -12.92
CA VAL E 34 9.89 -27.62 -11.85
C VAL E 34 8.73 -26.89 -12.52
N GLN E 35 7.87 -27.68 -13.16
CA GLN E 35 6.49 -27.27 -13.46
C GLN E 35 5.66 -28.55 -13.53
N THR E 36 5.16 -28.98 -12.38
CA THR E 36 4.20 -30.08 -12.32
C THR E 36 3.05 -29.83 -11.36
N CYS E 37 3.24 -29.05 -10.31
CA CYS E 37 2.21 -28.84 -9.29
C CYS E 37 1.74 -27.39 -9.34
N PRO E 38 0.51 -27.13 -9.76
CA PRO E 38 0.02 -25.75 -9.71
C PRO E 38 0.09 -25.15 -8.33
N HIS E 39 0.08 -25.98 -7.28
CA HIS E 39 0.29 -25.49 -5.92
C HIS E 39 1.56 -24.66 -5.84
N CYS E 40 2.66 -25.19 -6.36
CA CYS E 40 3.90 -24.44 -6.42
C CYS E 40 3.96 -23.49 -7.62
N ASN E 41 3.05 -23.64 -8.58
CA ASN E 41 3.03 -22.80 -9.77
C ASN E 41 1.90 -21.78 -9.60
N SER E 42 2.22 -20.65 -8.96
CA SER E 42 1.22 -19.63 -8.71
C SER E 42 0.69 -19.05 -10.01
N ALA E 43 1.59 -18.62 -10.90
CA ALA E 43 1.26 -18.06 -12.21
C ALA E 43 0.25 -16.92 -12.10
N PRO E 44 0.63 -15.78 -11.52
CA PRO E 44 -0.32 -14.67 -11.40
C PRO E 44 -0.29 -13.74 -12.60
N ALA E 45 -1.47 -13.42 -13.14
CA ALA E 45 -1.59 -12.46 -14.24
C ALA E 45 -2.35 -11.20 -13.81
N LEU E 46 -3.56 -11.36 -13.27
CA LEU E 46 -4.36 -10.31 -12.65
C LEU E 46 -4.85 -9.24 -13.62
N GLU E 47 -4.46 -9.31 -14.90
CA GLU E 47 -4.94 -8.39 -15.93
C GLU E 47 -4.74 -6.92 -15.54
N ALA E 48 -5.48 -6.02 -16.19
CA ALA E 48 -5.40 -4.59 -15.91
C ALA E 48 -6.58 -3.90 -16.58
N GLY E 49 -7.19 -2.94 -15.86
CA GLY E 49 -8.29 -2.17 -16.38
C GLY E 49 -8.30 -0.76 -15.82
N VAL E 50 -8.62 0.23 -16.66
CA VAL E 50 -8.41 1.63 -16.30
C VAL E 50 -9.21 2.51 -17.25
N ASN E 51 -9.41 3.77 -16.86
CA ASN E 51 -9.74 4.99 -17.61
C ASN E 51 -10.91 4.88 -18.60
N PRO E 52 -12.15 4.91 -18.12
CA PRO E 52 -13.26 5.32 -18.98
C PRO E 52 -13.54 6.81 -18.82
N ARG E 53 -13.77 7.50 -19.93
CA ARG E 53 -13.94 8.94 -19.89
C ARG E 53 -14.59 9.43 -21.17
N GLY E 54 -15.06 10.67 -21.14
CA GLY E 54 -15.59 11.35 -22.29
C GLY E 54 -14.69 12.49 -22.74
N LEU E 55 -15.05 13.10 -23.86
CA LEU E 55 -14.22 14.11 -24.51
C LEU E 55 -14.87 15.49 -24.53
N GLY E 56 -16.08 15.61 -25.05
CA GLY E 56 -16.73 16.89 -25.20
C GLY E 56 -17.00 17.57 -23.88
N PRO E 57 -16.96 18.90 -23.87
CA PRO E 57 -17.13 19.64 -22.61
C PRO E 57 -18.46 19.37 -21.91
N LEU E 58 -19.53 19.14 -22.66
CA LEU E 58 -20.87 19.05 -22.11
C LEU E 58 -21.55 17.76 -22.53
N GLN E 59 -20.85 16.63 -22.37
CA GLN E 59 -21.41 15.37 -22.79
C GLN E 59 -21.39 14.26 -21.73
N ILE E 60 -20.56 14.35 -20.69
CA ILE E 60 -20.51 13.34 -19.65
C ILE E 60 -20.52 14.02 -18.29
N TRP E 61 -21.39 13.55 -17.39
CA TRP E 61 -21.47 14.04 -16.02
C TRP E 61 -21.42 12.86 -15.06
N GLN E 62 -21.05 13.13 -13.82
CA GLN E 62 -21.12 12.13 -12.76
C GLN E 62 -21.65 12.80 -11.49
N THR E 63 -22.34 12.02 -10.67
CA THR E 63 -22.97 12.53 -9.46
C THR E 63 -23.01 11.45 -8.40
N ASP E 64 -22.98 11.86 -7.13
CA ASP E 64 -23.05 10.90 -6.03
C ASP E 64 -23.43 11.63 -4.75
N PHE E 65 -23.59 10.86 -3.68
CA PHE E 65 -24.02 11.32 -2.37
C PHE E 65 -22.95 11.04 -1.33
N THR E 66 -22.89 11.91 -0.32
CA THR E 66 -21.94 11.78 0.78
C THR E 66 -22.61 12.21 2.07
N LEU E 67 -22.06 11.75 3.19
CA LEU E 67 -22.53 12.10 4.52
C LEU E 67 -21.46 12.87 5.26
N GLU E 68 -21.83 13.99 5.84
CA GLU E 68 -20.89 14.85 6.57
C GLU E 68 -21.34 14.98 8.02
N PRO E 69 -20.57 14.46 8.98
CA PRO E 69 -21.04 14.51 10.38
C PRO E 69 -21.03 15.90 10.97
N ARG E 70 -20.00 16.69 10.68
CA ARG E 70 -19.93 18.05 11.23
C ARG E 70 -21.08 18.93 10.78
N MET E 71 -21.73 18.57 9.67
CA MET E 71 -22.77 19.39 9.09
C MET E 71 -24.03 19.30 9.96
N ALA E 72 -24.93 20.28 9.79
CA ALA E 72 -26.18 20.35 10.55
C ALA E 72 -27.04 19.13 10.29
N PRO E 73 -28.17 18.95 11.02
CA PRO E 73 -29.07 17.81 10.78
C PRO E 73 -29.26 17.43 9.32
N ARG E 74 -29.38 18.41 8.44
CA ARG E 74 -29.45 18.14 7.01
C ARG E 74 -28.03 17.80 6.54
N SER E 75 -27.61 16.58 6.82
CA SER E 75 -26.22 16.17 6.74
C SER E 75 -25.90 15.35 5.49
N TRP E 76 -26.77 15.35 4.49
CA TRP E 76 -26.53 14.65 3.24
C TRP E 76 -26.18 15.65 2.16
N LEU E 77 -25.08 15.38 1.44
CA LEU E 77 -24.58 16.27 0.41
C LEU E 77 -24.55 15.55 -0.92
N ALA E 78 -25.13 16.17 -1.95
CA ALA E 78 -25.07 15.65 -3.31
C ALA E 78 -24.03 16.46 -4.07
N VAL E 79 -23.12 15.77 -4.75
CA VAL E 79 -22.04 16.43 -5.47
C VAL E 79 -21.95 15.86 -6.88
N THR E 80 -21.66 16.73 -7.84
CA THR E 80 -21.59 16.36 -9.24
C THR E 80 -20.42 17.06 -9.92
N VAL E 81 -19.83 16.36 -10.89
CA VAL E 81 -18.68 16.82 -11.65
C VAL E 81 -18.92 16.58 -13.13
N ASP E 82 -18.21 17.33 -13.96
CA ASP E 82 -18.27 17.22 -15.40
C ASP E 82 -16.89 16.82 -15.90
N THR E 83 -16.75 15.57 -16.32
CA THR E 83 -15.42 15.00 -16.56
C THR E 83 -14.88 15.32 -17.94
N ALA E 84 -14.94 16.60 -18.33
CA ALA E 84 -14.15 17.11 -19.43
C ALA E 84 -13.30 18.29 -19.00
N SER E 85 -13.90 19.26 -18.31
CA SER E 85 -13.20 20.35 -17.66
C SER E 85 -13.75 20.37 -16.23
N SER E 86 -12.97 19.81 -15.30
CA SER E 86 -13.48 19.49 -13.97
C SER E 86 -14.12 20.70 -13.30
N ALA E 87 -15.42 20.63 -13.09
CA ALA E 87 -16.17 21.64 -12.36
C ALA E 87 -17.06 20.94 -11.34
N ILE E 88 -17.25 21.58 -10.20
CA ILE E 88 -17.87 20.96 -9.03
C ILE E 88 -19.14 21.71 -8.70
N VAL E 89 -20.24 20.96 -8.50
CA VAL E 89 -21.48 21.53 -8.00
C VAL E 89 -22.01 20.66 -6.87
N VAL E 90 -22.34 21.29 -5.75
CA VAL E 90 -22.73 20.56 -4.54
C VAL E 90 -23.95 21.23 -3.91
N THR E 91 -24.87 20.41 -3.42
CA THR E 91 -26.05 20.88 -2.70
C THR E 91 -26.26 20.00 -1.47
N GLN E 92 -27.10 20.48 -0.56
CA GLN E 92 -27.32 19.83 0.73
C GLN E 92 -28.81 19.56 0.93
N HIS E 93 -29.17 18.31 1.24
CA HIS E 93 -30.56 17.94 1.43
C HIS E 93 -30.85 17.41 2.83
N GLY E 94 -30.17 16.37 3.28
CA GLY E 94 -30.40 15.79 4.58
C GLY E 94 -31.28 14.56 4.61
N ARG E 95 -31.88 14.18 3.48
CA ARG E 95 -32.72 12.98 3.44
C ARG E 95 -32.61 12.37 2.04
N VAL E 96 -31.93 11.24 1.93
CA VAL E 96 -31.73 10.58 0.64
C VAL E 96 -33.05 9.98 0.17
N THR E 97 -33.66 10.58 -0.85
CA THR E 97 -34.94 10.12 -1.35
C THR E 97 -35.04 10.45 -2.83
N SER E 98 -36.07 9.89 -3.47
CA SER E 98 -36.21 10.04 -4.92
C SER E 98 -36.44 11.49 -5.30
N VAL E 99 -37.26 12.22 -4.54
CA VAL E 99 -37.54 13.61 -4.86
C VAL E 99 -36.34 14.52 -4.60
N ALA E 100 -35.31 14.03 -3.90
CA ALA E 100 -34.12 14.83 -3.70
C ALA E 100 -33.38 15.04 -5.00
N VAL E 101 -32.93 13.95 -5.63
CA VAL E 101 -32.31 14.09 -6.94
C VAL E 101 -33.42 14.01 -7.97
N GLN E 102 -34.27 15.03 -7.97
CA GLN E 102 -34.98 15.57 -9.11
C GLN E 102 -35.03 17.07 -9.06
N HIS E 103 -34.77 17.64 -7.88
CA HIS E 103 -34.48 19.05 -7.68
C HIS E 103 -32.99 19.32 -7.68
N HIS E 104 -32.18 18.34 -7.26
CA HIS E 104 -30.74 18.51 -7.33
C HIS E 104 -30.27 18.77 -8.76
N TRP E 105 -30.68 17.91 -9.69
CA TRP E 105 -30.29 18.09 -11.08
C TRP E 105 -30.93 19.33 -11.68
N ALA E 106 -32.14 19.68 -11.26
CA ALA E 106 -32.76 20.90 -11.74
C ALA E 106 -31.93 22.12 -11.37
N THR E 107 -31.43 22.16 -10.14
CA THR E 107 -30.52 23.24 -9.75
C THR E 107 -29.22 23.17 -10.52
N ALA E 108 -28.68 21.95 -10.72
CA ALA E 108 -27.38 21.80 -11.35
C ALA E 108 -27.40 22.27 -12.80
N ILE E 109 -28.47 21.97 -13.54
CA ILE E 109 -28.50 22.29 -14.96
C ILE E 109 -28.44 23.80 -15.17
N ALA E 110 -29.05 24.56 -14.28
CA ALA E 110 -29.19 26.00 -14.46
C ALA E 110 -27.88 26.75 -14.39
N VAL E 111 -26.71 26.13 -14.28
CA VAL E 111 -25.45 26.86 -14.26
C VAL E 111 -24.47 26.26 -15.24
N LEU E 112 -24.84 25.12 -15.84
CA LEU E 112 -23.94 24.42 -16.74
C LEU E 112 -24.57 24.03 -18.07
N GLY E 113 -25.86 24.26 -18.28
CA GLY E 113 -26.51 23.82 -19.50
C GLY E 113 -26.94 22.37 -19.41
N ARG E 114 -27.56 21.91 -20.49
CA ARG E 114 -28.06 20.55 -20.53
C ARG E 114 -26.96 19.58 -20.93
N PRO E 115 -26.64 18.57 -20.12
CA PRO E 115 -25.68 17.56 -20.55
C PRO E 115 -26.33 16.57 -21.51
N LYS E 116 -25.60 15.53 -21.90
CA LYS E 116 -26.13 14.54 -22.82
C LYS E 116 -26.08 13.11 -22.32
N ALA E 117 -25.38 12.83 -21.23
CA ALA E 117 -25.33 11.47 -20.69
C ALA E 117 -24.94 11.54 -19.23
N ILE E 118 -25.48 10.61 -18.45
CA ILE E 118 -25.19 10.49 -17.02
C ILE E 118 -24.88 9.04 -16.69
N LYS E 119 -23.80 8.82 -15.96
CA LYS E 119 -23.43 7.50 -15.45
C LYS E 119 -23.26 7.63 -13.94
N THR E 120 -24.11 6.92 -13.19
CA THR E 120 -24.03 6.97 -11.73
C THR E 120 -24.10 5.58 -11.11
N ASP E 121 -24.19 5.54 -9.79
CA ASP E 121 -24.31 4.30 -9.04
C ASP E 121 -25.69 3.69 -9.28
N ASN E 122 -25.79 2.39 -9.01
CA ASN E 122 -27.03 1.64 -9.16
C ASN E 122 -27.80 1.53 -7.85
N GLY E 123 -27.76 2.58 -7.04
CA GLY E 123 -28.44 2.59 -5.76
C GLY E 123 -29.95 2.64 -5.86
N SER E 124 -30.61 3.16 -4.83
CA SER E 124 -32.06 3.12 -4.75
C SER E 124 -32.72 4.31 -5.45
N CYS E 125 -32.35 5.53 -5.08
CA CYS E 125 -33.04 6.71 -5.59
C CYS E 125 -32.84 6.90 -7.08
N PHE E 126 -31.85 6.25 -7.68
CA PHE E 126 -31.57 6.40 -9.10
C PHE E 126 -32.29 5.37 -9.96
N THR E 127 -33.13 4.52 -9.37
CA THR E 127 -33.74 3.42 -10.09
C THR E 127 -35.26 3.51 -10.18
N SER E 128 -35.89 4.39 -9.42
CA SER E 128 -37.35 4.46 -9.41
C SER E 128 -37.89 4.90 -10.76
N LYS E 129 -39.06 4.35 -11.10
CA LYS E 129 -39.71 4.75 -12.35
C LYS E 129 -40.12 6.22 -12.31
N SER E 130 -40.33 6.78 -11.11
CA SER E 130 -40.63 8.20 -11.01
C SER E 130 -39.48 9.05 -11.54
N THR E 131 -38.24 8.67 -11.23
CA THR E 131 -37.09 9.35 -11.79
C THR E 131 -36.83 8.96 -13.23
N ARG E 132 -37.14 7.71 -13.60
CA ARG E 132 -36.93 7.28 -14.97
C ARG E 132 -37.78 8.07 -15.95
N GLU E 133 -39.06 8.25 -15.62
CA GLU E 133 -39.95 9.02 -16.48
C GLU E 133 -39.54 10.49 -16.52
N TRP E 134 -39.07 11.03 -15.39
CA TRP E 134 -38.60 12.41 -15.37
C TRP E 134 -37.41 12.60 -16.29
N LEU E 135 -36.45 11.68 -16.23
CA LEU E 135 -35.30 11.72 -17.12
C LEU E 135 -35.74 11.61 -18.58
N ALA E 136 -36.66 10.69 -18.87
CA ALA E 136 -37.13 10.53 -20.24
C ALA E 136 -37.81 11.79 -20.74
N ARG E 137 -38.64 12.41 -19.91
CA ARG E 137 -39.34 13.62 -20.31
C ARG E 137 -38.37 14.76 -20.56
N TRP E 138 -37.34 14.89 -19.73
CA TRP E 138 -36.35 15.93 -19.95
C TRP E 138 -35.51 15.65 -21.19
N GLY E 139 -35.29 14.37 -21.50
CA GLY E 139 -34.60 13.99 -22.71
C GLY E 139 -33.09 13.84 -22.56
N ILE E 140 -32.65 13.04 -21.61
CA ILE E 140 -31.23 12.79 -21.36
C ILE E 140 -30.98 11.30 -21.26
N ALA E 141 -29.96 10.82 -21.94
CA ALA E 141 -29.57 9.42 -21.85
C ALA E 141 -29.00 9.13 -20.47
N HIS E 142 -29.15 7.88 -20.04
CA HIS E 142 -28.75 7.48 -18.69
C HIS E 142 -28.21 6.06 -18.72
N THR E 143 -27.23 5.80 -17.86
CA THR E 143 -26.67 4.47 -17.72
C THR E 143 -26.18 4.30 -16.29
N THR E 144 -25.71 3.09 -15.97
CA THR E 144 -25.27 2.77 -14.62
C THR E 144 -24.01 1.93 -14.67
N GLY E 145 -23.25 1.99 -13.57
CA GLY E 145 -22.04 1.21 -13.43
C GLY E 145 -22.31 -0.17 -12.85
N ILE E 146 -21.25 -0.96 -12.78
CA ILE E 146 -21.32 -2.36 -12.36
C ILE E 146 -21.80 -2.43 -10.91
N PRO E 147 -22.57 -3.45 -10.53
CA PRO E 147 -23.10 -3.51 -9.16
C PRO E 147 -22.06 -3.93 -8.13
N GLY E 148 -21.28 -2.98 -7.63
CA GLY E 148 -20.41 -3.27 -6.51
C GLY E 148 -19.06 -2.58 -6.51
N ASN E 149 -18.52 -2.29 -7.69
CA ASN E 149 -17.22 -1.64 -7.76
C ASN E 149 -17.35 -0.15 -7.44
N SER E 150 -16.52 0.32 -6.51
CA SER E 150 -16.50 1.73 -6.16
C SER E 150 -15.51 2.53 -7.00
N GLN E 151 -14.69 1.88 -7.81
CA GLN E 151 -13.71 2.58 -8.62
C GLN E 151 -14.28 3.09 -9.94
N GLY E 152 -15.51 2.72 -10.29
CA GLY E 152 -16.10 3.22 -11.52
C GLY E 152 -16.36 4.71 -11.51
N GLN E 153 -16.44 5.30 -10.33
CA GLN E 153 -16.73 6.72 -10.17
C GLN E 153 -15.57 7.44 -9.51
N ALA E 154 -14.34 7.03 -9.85
CA ALA E 154 -13.16 7.61 -9.22
C ALA E 154 -13.09 9.12 -9.43
N MET E 155 -13.58 9.60 -10.56
CA MET E 155 -13.47 11.03 -10.87
C MET E 155 -14.22 11.90 -9.87
N VAL E 156 -15.16 11.33 -9.13
CA VAL E 156 -15.84 12.06 -8.06
C VAL E 156 -15.47 11.54 -6.68
N GLU E 157 -15.12 10.26 -6.55
CA GLU E 157 -14.62 9.73 -5.29
C GLU E 157 -13.25 10.30 -4.92
N ARG E 158 -12.58 10.96 -5.86
CA ARG E 158 -11.39 11.72 -5.52
C ARG E 158 -11.72 13.18 -5.20
N ALA E 159 -12.71 13.75 -5.89
CA ALA E 159 -13.04 15.15 -5.69
C ALA E 159 -13.70 15.39 -4.34
N ASN E 160 -14.50 14.44 -3.86
CA ASN E 160 -15.18 14.66 -2.59
C ASN E 160 -14.19 14.74 -1.44
N ARG E 161 -13.07 14.03 -1.52
CA ARG E 161 -12.04 14.13 -0.48
C ARG E 161 -11.50 15.55 -0.39
N LEU E 162 -11.18 16.14 -1.54
CA LEU E 162 -10.67 17.50 -1.56
C LEU E 162 -11.73 18.47 -1.05
N LEU E 163 -12.99 18.24 -1.43
CA LEU E 163 -14.07 19.10 -0.94
C LEU E 163 -14.17 19.04 0.58
N LYS E 164 -14.09 17.82 1.14
CA LYS E 164 -14.16 17.67 2.59
C LYS E 164 -13.00 18.36 3.28
N ASP E 165 -11.80 18.22 2.72
CA ASP E 165 -10.64 18.86 3.33
C ASP E 165 -10.78 20.38 3.31
N LYS E 166 -11.22 20.94 2.18
CA LYS E 166 -11.39 22.38 2.09
C LYS E 166 -12.45 22.87 3.07
N ILE E 167 -13.57 22.16 3.16
CA ILE E 167 -14.64 22.61 4.05
C ILE E 167 -14.20 22.49 5.51
N ARG E 168 -13.42 21.47 5.85
CA ARG E 168 -12.91 21.34 7.22
C ARG E 168 -11.97 22.47 7.56
N VAL E 169 -11.07 22.83 6.64
CA VAL E 169 -10.16 23.94 6.89
C VAL E 169 -10.94 25.22 7.10
N LEU E 170 -11.91 25.50 6.22
CA LEU E 170 -12.69 26.71 6.34
C LEU E 170 -13.53 26.72 7.62
N ALA E 171 -13.97 25.55 8.07
CA ALA E 171 -14.73 25.46 9.30
C ALA E 171 -13.86 25.78 10.49
N GLU E 172 -12.82 24.96 10.72
CA GLU E 172 -11.94 25.23 11.86
C GLU E 172 -10.76 26.12 11.48
N GLY E 173 -11.05 27.19 10.74
CA GLY E 173 -10.13 28.30 10.65
C GLY E 173 -10.70 29.52 11.33
N ASP E 174 -11.87 29.39 11.94
CA ASP E 174 -12.57 30.51 12.56
C ASP E 174 -13.16 30.15 13.92
N GLY E 175 -12.52 29.24 14.64
CA GLY E 175 -12.98 28.86 15.96
C GLY E 175 -14.31 28.13 15.98
N PHE E 176 -14.49 27.17 15.06
CA PHE E 176 -15.66 26.30 15.04
C PHE E 176 -15.16 24.87 14.86
N MET E 177 -14.91 24.20 15.98
CA MET E 177 -14.46 22.82 16.01
C MET E 177 -15.54 21.82 16.35
N LYS E 178 -16.77 22.11 15.96
CA LYS E 178 -17.92 21.28 16.33
C LYS E 178 -19.02 21.53 15.31
N ARG E 179 -20.23 21.09 15.65
CA ARG E 179 -21.37 21.29 14.76
C ARG E 179 -21.57 22.78 14.49
N ILE E 180 -21.52 23.15 13.22
CA ILE E 180 -21.64 24.55 12.83
C ILE E 180 -23.05 25.05 13.14
N PRO E 181 -23.21 26.29 13.62
CA PRO E 181 -24.55 26.83 13.82
C PRO E 181 -25.32 26.92 12.51
N THR E 182 -26.64 26.82 12.61
CA THR E 182 -27.51 26.77 11.44
C THR E 182 -27.61 28.10 10.71
N SER E 183 -26.90 29.13 11.15
CA SER E 183 -26.99 30.45 10.51
C SER E 183 -25.73 30.81 9.72
N LYS E 184 -24.85 29.84 9.48
CA LYS E 184 -23.59 30.11 8.78
C LYS E 184 -23.30 29.18 7.62
N GLN E 185 -23.90 27.99 7.58
CA GLN E 185 -23.56 27.01 6.54
C GLN E 185 -23.94 27.51 5.15
N GLY E 186 -25.08 28.19 5.03
CA GLY E 186 -25.49 28.71 3.75
C GLY E 186 -24.49 29.70 3.18
N GLU E 187 -23.97 30.58 4.04
CA GLU E 187 -22.97 31.55 3.59
C GLU E 187 -21.61 30.90 3.37
N LEU E 188 -21.29 29.84 4.11
CA LEU E 188 -19.98 29.22 4.00
C LEU E 188 -19.87 28.36 2.74
N LEU E 189 -20.95 27.69 2.36
CA LEU E 189 -20.91 26.85 1.17
C LEU E 189 -20.71 27.69 -0.09
N ALA E 190 -21.24 28.91 -0.13
CA ALA E 190 -21.02 29.77 -1.28
C ALA E 190 -19.56 30.15 -1.42
N LYS E 191 -18.90 30.47 -0.31
CA LYS E 191 -17.49 30.80 -0.38
C LYS E 191 -16.66 29.58 -0.79
N ALA E 192 -17.05 28.40 -0.31
CA ALA E 192 -16.39 27.17 -0.76
C ALA E 192 -16.56 26.99 -2.26
N MET E 193 -17.78 27.20 -2.76
CA MET E 193 -18.04 27.15 -4.19
C MET E 193 -17.09 28.08 -4.95
N TYR E 194 -17.00 29.32 -4.50
CA TYR E 194 -16.18 30.30 -5.19
C TYR E 194 -14.71 29.90 -5.17
N ALA E 195 -14.24 29.37 -4.04
CA ALA E 195 -12.82 29.05 -3.92
C ALA E 195 -12.43 27.81 -4.70
N LEU E 196 -13.35 26.86 -4.87
CA LEU E 196 -13.01 25.63 -5.58
C LEU E 196 -12.60 25.90 -7.02
N ASN E 197 -13.52 26.42 -7.84
CA ASN E 197 -13.22 26.63 -9.25
C ASN E 197 -13.36 28.11 -9.59
N HIS E 198 -12.34 28.88 -9.23
CA HIS E 198 -12.09 30.16 -9.89
C HIS E 198 -10.60 30.44 -9.99
N PHE E 199 -9.74 29.51 -9.59
CA PHE E 199 -8.30 29.69 -9.65
C PHE E 199 -7.67 28.33 -9.96
N GLU E 200 -6.40 28.36 -10.33
CA GLU E 200 -5.71 27.13 -10.70
C GLU E 200 -5.68 26.15 -9.54
N ARG E 201 -5.96 24.89 -9.85
CA ARG E 201 -5.98 23.81 -8.87
C ARG E 201 -4.79 22.89 -9.13
N GLY E 202 -3.79 22.98 -8.28
CA GLY E 202 -2.60 22.13 -8.43
C GLY E 202 -1.53 22.82 -9.28
N GLU E 203 -1.35 22.34 -10.51
CA GLU E 203 -0.33 22.90 -11.39
C GLU E 203 -0.80 23.16 -12.82
N ASN E 204 -1.95 22.65 -13.24
CA ASN E 204 -2.43 22.95 -14.59
C ASN E 204 -2.67 24.44 -14.75
N THR E 205 -2.27 24.97 -15.90
CA THR E 205 -2.25 26.42 -16.12
C THR E 205 -3.52 26.93 -16.78
N LYS E 206 -4.69 26.62 -16.23
CA LYS E 206 -5.94 27.13 -16.76
C LYS E 206 -7.04 26.98 -15.74
N THR E 207 -7.82 28.05 -15.55
CA THR E 207 -8.95 28.01 -14.63
C THR E 207 -10.02 27.05 -15.15
N PRO E 208 -10.61 26.22 -14.29
CA PRO E 208 -11.64 25.28 -14.77
C PRO E 208 -12.83 25.96 -15.42
N ILE E 209 -13.26 27.12 -14.92
CA ILE E 209 -14.42 27.78 -15.50
C ILE E 209 -14.14 28.22 -16.93
N GLN E 210 -12.96 28.82 -17.16
CA GLN E 210 -12.63 29.23 -18.51
C GLN E 210 -12.35 28.03 -19.40
N LYS E 211 -11.81 26.96 -18.85
CA LYS E 211 -11.63 25.75 -19.63
C LYS E 211 -12.96 25.18 -20.10
N HIS E 212 -13.97 25.21 -19.22
CA HIS E 212 -15.30 24.76 -19.59
C HIS E 212 -15.92 25.67 -20.65
N TRP E 213 -15.79 26.98 -20.47
CA TRP E 213 -16.48 27.90 -21.38
C TRP E 213 -15.83 27.92 -22.76
N ARG E 214 -14.50 27.99 -22.82
CA ARG E 214 -13.77 28.12 -24.08
C ARG E 214 -12.73 27.01 -24.15
N PRO E 215 -13.16 25.79 -24.45
CA PRO E 215 -12.23 24.65 -24.49
C PRO E 215 -11.41 24.67 -25.77
N THR E 216 -10.46 23.73 -25.83
CA THR E 216 -9.59 23.57 -26.99
C THR E 216 -9.74 22.15 -27.52
N VAL E 217 -9.99 22.04 -28.82
CA VAL E 217 -10.09 20.75 -29.49
C VAL E 217 -9.35 20.85 -30.82
N LEU E 218 -8.56 19.82 -31.13
CA LEU E 218 -7.73 19.82 -32.32
C LEU E 218 -8.11 18.66 -33.25
N THR E 219 -7.72 18.80 -34.51
CA THR E 219 -7.95 17.78 -35.53
C THR E 219 -6.61 17.29 -36.04
N GLU E 220 -6.47 15.96 -36.14
CA GLU E 220 -5.26 15.29 -36.61
C GLU E 220 -4.13 15.44 -35.60
N GLY E 221 -3.30 14.41 -35.49
CA GLY E 221 -2.24 14.41 -34.51
C GLY E 221 -0.92 13.88 -35.04
N PRO E 222 0.12 13.96 -34.22
CA PRO E 222 1.44 13.48 -34.64
C PRO E 222 1.45 11.97 -34.74
N PRO E 223 2.39 11.40 -35.52
CA PRO E 223 2.50 9.94 -35.60
C PRO E 223 2.87 9.34 -34.25
N VAL E 224 2.38 8.13 -34.02
CA VAL E 224 2.51 7.48 -32.71
C VAL E 224 2.25 6.00 -32.90
N LYS E 225 2.96 5.18 -32.13
CA LYS E 225 2.78 3.73 -32.15
C LYS E 225 2.19 3.25 -30.84
N ILE E 226 1.30 2.26 -30.93
CA ILE E 226 0.56 1.73 -29.78
C ILE E 226 0.80 0.24 -29.69
N ARG E 227 1.15 -0.23 -28.50
CA ARG E 227 1.47 -1.65 -28.28
C ARG E 227 0.18 -2.38 -27.95
N ILE E 228 -0.55 -2.76 -29.00
CA ILE E 228 -1.77 -3.54 -28.85
C ILE E 228 -1.40 -4.95 -28.39
N GLU E 229 -2.41 -5.74 -28.03
CA GLU E 229 -2.18 -7.07 -27.47
C GLU E 229 -1.35 -7.97 -28.38
N THR E 230 -1.09 -7.58 -29.62
CA THR E 230 -0.22 -8.39 -30.46
C THR E 230 1.25 -8.08 -30.20
N GLY E 231 1.64 -8.08 -28.92
CA GLY E 231 3.04 -8.01 -28.55
C GLY E 231 3.71 -6.67 -28.78
N GLU E 232 3.68 -6.19 -30.01
CA GLU E 232 4.50 -5.07 -30.46
C GLU E 232 3.62 -3.90 -30.91
N TRP E 233 4.27 -2.76 -31.17
CA TRP E 233 3.58 -1.50 -31.43
C TRP E 233 3.21 -1.38 -32.91
N GLU E 234 1.92 -1.25 -33.18
CA GLU E 234 1.43 -1.14 -34.55
C GLU E 234 1.50 0.32 -35.02
N LYS E 235 0.93 0.59 -36.18
CA LYS E 235 0.93 1.91 -36.79
C LYS E 235 -0.51 2.27 -37.16
N GLY E 236 -0.67 3.42 -37.80
CA GLY E 236 -1.98 3.86 -38.27
C GLY E 236 -2.86 4.42 -37.17
N TRP E 237 -2.29 5.32 -36.36
CA TRP E 237 -3.04 5.92 -35.26
C TRP E 237 -2.46 7.30 -34.97
N ASN E 238 -3.27 8.12 -34.30
CA ASN E 238 -2.85 9.47 -33.93
C ASN E 238 -3.39 9.82 -32.56
N VAL E 239 -2.56 10.44 -31.74
CA VAL E 239 -2.95 10.86 -30.39
C VAL E 239 -3.50 12.28 -30.46
N LEU E 240 -4.71 12.47 -29.94
CA LEU E 240 -5.32 13.78 -29.90
C LEU E 240 -5.50 14.35 -28.50
N VAL E 241 -5.28 13.56 -27.45
CA VAL E 241 -5.24 14.08 -26.09
C VAL E 241 -4.48 13.10 -25.23
N TRP E 242 -3.63 13.63 -24.35
CA TRP E 242 -2.74 12.79 -23.55
C TRP E 242 -2.33 13.61 -22.33
N GLY E 243 -2.79 13.18 -21.15
CA GLY E 243 -2.43 13.86 -19.92
C GLY E 243 -1.63 12.97 -19.00
N ARG E 244 -1.84 13.10 -17.68
CA ARG E 244 -1.15 12.25 -16.73
C ARG E 244 -1.75 10.85 -16.78
N GLY E 245 -1.49 10.13 -17.86
CA GLY E 245 -2.14 8.86 -18.11
C GLY E 245 -3.33 9.02 -19.04
N TYR E 246 -4.08 7.92 -19.15
CA TYR E 246 -5.34 7.86 -19.90
C TYR E 246 -5.22 8.51 -21.28
N ALA E 247 -4.40 7.90 -22.12
CA ALA E 247 -4.27 8.41 -23.47
C ALA E 247 -5.51 8.05 -24.30
N ALA E 248 -5.76 8.85 -25.32
CA ALA E 248 -6.85 8.61 -26.26
C ALA E 248 -6.29 8.59 -27.67
N VAL E 249 -6.69 7.60 -28.45
CA VAL E 249 -6.11 7.33 -29.76
C VAL E 249 -7.21 7.31 -30.81
N LYS E 250 -6.98 8.01 -31.91
CA LYS E 250 -7.89 8.03 -33.05
C LYS E 250 -7.29 7.22 -34.19
N ASN E 251 -8.15 6.51 -34.90
CA ASN E 251 -7.72 5.72 -36.04
C ASN E 251 -7.19 6.61 -37.16
N ARG E 252 -6.30 6.03 -37.97
CA ARG E 252 -5.81 6.71 -39.16
C ARG E 252 -6.28 6.09 -40.46
N ASP E 253 -6.74 4.83 -40.44
CA ASP E 253 -7.13 4.20 -41.70
C ASP E 253 -8.53 4.62 -42.12
N THR E 254 -9.56 4.23 -41.35
CA THR E 254 -10.92 4.67 -41.66
C THR E 254 -11.52 5.51 -40.55
N ASP E 255 -11.81 4.95 -39.40
CA ASP E 255 -12.43 5.71 -38.28
C ASP E 255 -12.52 4.81 -37.05
N LYS E 256 -12.04 5.32 -35.91
CA LYS E 256 -12.45 4.88 -34.56
C LYS E 256 -11.67 5.74 -33.56
N VAL E 257 -12.21 5.83 -32.35
CA VAL E 257 -11.56 6.54 -31.24
C VAL E 257 -11.70 5.68 -29.99
N ILE E 258 -10.57 5.48 -29.30
CA ILE E 258 -10.52 4.59 -28.15
C ILE E 258 -9.71 5.23 -27.03
N TRP E 259 -9.91 4.75 -25.81
CA TRP E 259 -9.19 5.21 -24.64
C TRP E 259 -8.35 4.07 -24.10
N VAL E 260 -7.05 4.31 -23.96
CA VAL E 260 -6.10 3.26 -23.57
C VAL E 260 -5.16 3.82 -22.53
N PRO E 261 -4.67 3.01 -21.59
CA PRO E 261 -3.61 3.46 -20.68
C PRO E 261 -2.48 4.15 -21.43
N SER E 262 -1.77 5.03 -20.73
CA SER E 262 -0.67 5.76 -21.33
C SER E 262 0.62 4.95 -21.39
N ARG E 263 0.54 3.63 -21.27
CA ARG E 263 1.71 2.78 -21.42
C ARG E 263 1.92 2.34 -22.86
N LYS E 264 0.85 2.14 -23.61
CA LYS E 264 0.95 1.68 -25.00
C LYS E 264 0.96 2.87 -25.96
N VAL E 265 1.97 3.72 -25.78
CA VAL E 265 2.11 4.91 -26.62
C VAL E 265 3.59 5.28 -26.71
N LYS E 266 4.09 5.38 -27.94
CA LYS E 266 5.44 5.88 -28.19
C LYS E 266 5.36 6.94 -29.29
N PRO E 267 6.03 8.07 -29.12
CA PRO E 267 5.97 9.14 -30.12
C PRO E 267 6.80 8.82 -31.35
N ASP E 268 6.21 8.10 -32.30
CA ASP E 268 6.93 7.67 -33.49
C ASP E 268 7.56 8.85 -34.21
N ILE E 269 8.84 8.70 -34.57
CA ILE E 269 9.63 9.75 -35.20
C ILE E 269 9.62 11.02 -34.37
N GLY F 56 -15.14 44.07 -20.60
CA GLY F 56 -15.79 43.01 -19.86
C GLY F 56 -17.19 43.39 -19.38
N PRO F 57 -18.10 42.43 -19.37
CA PRO F 57 -19.48 42.68 -18.92
C PRO F 57 -19.67 42.51 -17.41
N LEU F 58 -18.78 43.14 -16.63
CA LEU F 58 -18.89 43.12 -15.16
C LEU F 58 -18.57 44.54 -14.68
N GLN F 59 -19.59 45.39 -14.59
CA GLN F 59 -19.36 46.77 -14.20
C GLN F 59 -20.30 47.23 -13.09
N ILE F 60 -21.53 46.70 -13.08
CA ILE F 60 -22.54 47.20 -12.16
C ILE F 60 -23.65 46.15 -12.05
N TRP F 61 -24.11 45.92 -10.81
CA TRP F 61 -25.21 45.01 -10.53
C TRP F 61 -26.35 45.78 -9.89
N GLN F 62 -27.50 45.13 -9.76
CA GLN F 62 -28.66 45.74 -9.12
C GLN F 62 -29.40 44.70 -8.29
N THR F 63 -29.89 45.11 -7.12
CA THR F 63 -30.62 44.22 -6.21
C THR F 63 -31.98 44.82 -5.88
N ASP F 64 -32.91 43.95 -5.48
CA ASP F 64 -34.29 44.38 -5.26
C ASP F 64 -34.97 43.33 -4.38
N PHE F 65 -35.93 43.80 -3.58
CA PHE F 65 -36.73 42.95 -2.69
C PHE F 65 -38.18 42.97 -3.17
N THR F 66 -38.78 41.78 -3.31
CA THR F 66 -40.05 41.66 -3.99
C THR F 66 -41.07 40.92 -3.14
N LEU F 67 -42.29 41.46 -3.15
CA LEU F 67 -43.49 40.93 -2.49
C LEU F 67 -44.13 39.83 -3.33
N GLU F 68 -45.44 39.65 -3.16
CA GLU F 68 -46.27 38.54 -3.68
C GLU F 68 -45.96 37.23 -2.97
N PRO F 69 -46.40 37.10 -1.71
CA PRO F 69 -46.27 35.81 -1.01
C PRO F 69 -47.31 34.79 -1.47
N ARG F 70 -47.95 35.04 -2.62
CA ARG F 70 -48.71 33.98 -3.27
C ARG F 70 -47.84 32.76 -3.48
N MET F 71 -46.62 32.98 -3.94
CA MET F 71 -45.57 31.98 -3.82
C MET F 71 -45.41 31.63 -2.35
N ALA F 72 -45.35 30.34 -2.05
CA ALA F 72 -45.47 29.78 -0.70
C ALA F 72 -44.51 30.41 0.30
N PRO F 73 -44.74 30.22 1.62
CA PRO F 73 -43.78 30.70 2.63
C PRO F 73 -42.34 30.39 2.25
N ARG F 74 -41.40 31.15 2.84
CA ARG F 74 -40.10 31.48 2.26
C ARG F 74 -40.33 32.53 1.18
N SER F 75 -41.32 33.39 1.40
CA SER F 75 -41.68 34.47 0.49
C SER F 75 -40.70 35.62 0.65
N TRP F 76 -41.07 36.80 0.16
CA TRP F 76 -40.20 37.98 0.19
C TRP F 76 -38.91 37.72 -0.60
N LEU F 77 -39.10 37.57 -1.91
CA LEU F 77 -38.00 37.17 -2.78
C LEU F 77 -36.95 38.27 -2.90
N ALA F 78 -35.73 37.87 -3.25
CA ALA F 78 -34.64 38.79 -3.49
C ALA F 78 -34.09 38.53 -4.89
N VAL F 79 -33.93 39.58 -5.67
CA VAL F 79 -33.52 39.46 -7.06
C VAL F 79 -32.34 40.38 -7.32
N THR F 80 -31.47 39.95 -8.23
CA THR F 80 -30.29 40.73 -8.61
C THR F 80 -30.01 40.50 -10.08
N VAL F 81 -29.81 41.61 -10.81
CA VAL F 81 -29.65 41.59 -12.25
C VAL F 81 -28.42 42.41 -12.64
N ASP F 82 -27.68 41.92 -13.63
CA ASP F 82 -26.58 42.67 -14.21
C ASP F 82 -27.10 43.53 -15.36
N THR F 83 -26.52 44.72 -15.50
CA THR F 83 -26.91 45.60 -16.60
C THR F 83 -26.16 45.29 -17.89
N ALA F 84 -24.90 44.92 -17.78
CA ALA F 84 -24.08 44.72 -18.98
C ALA F 84 -24.58 43.56 -19.82
N SER F 85 -24.94 42.45 -19.19
CA SER F 85 -25.33 41.24 -19.91
C SER F 85 -26.75 40.79 -19.63
N SER F 86 -27.46 41.42 -18.69
CA SER F 86 -28.85 41.11 -18.38
C SER F 86 -29.00 39.64 -17.96
N ALA F 87 -28.37 39.34 -16.81
CA ALA F 87 -28.49 38.04 -16.16
C ALA F 87 -29.12 38.24 -14.79
N ILE F 88 -29.95 37.28 -14.38
CA ILE F 88 -30.80 37.43 -13.21
C ILE F 88 -30.60 36.26 -12.26
N VAL F 89 -30.64 36.56 -10.96
CA VAL F 89 -30.61 35.55 -9.91
C VAL F 89 -31.60 35.94 -8.82
N VAL F 90 -32.42 34.99 -8.40
CA VAL F 90 -33.47 35.23 -7.41
C VAL F 90 -33.42 34.12 -6.36
N THR F 91 -33.73 34.49 -5.12
CA THR F 91 -33.65 33.58 -4.00
C THR F 91 -34.79 33.86 -3.03
N GLN F 92 -35.20 32.83 -2.29
CA GLN F 92 -36.22 32.95 -1.27
C GLN F 92 -35.62 33.56 0.00
N HIS F 93 -36.50 33.92 0.94
CA HIS F 93 -36.08 34.49 2.21
C HIS F 93 -37.16 34.26 3.25
N GLY F 94 -36.78 34.46 4.50
CA GLY F 94 -37.72 34.33 5.60
C GLY F 94 -38.30 35.66 6.04
N ARG F 95 -37.44 36.66 6.18
CA ARG F 95 -37.86 37.98 6.64
C ARG F 95 -36.83 38.99 6.19
N VAL F 96 -37.19 40.27 6.30
CA VAL F 96 -36.29 41.36 5.93
C VAL F 96 -35.28 41.54 7.05
N THR F 97 -34.13 40.87 6.92
CA THR F 97 -33.07 40.93 7.91
C THR F 97 -31.76 41.28 7.22
N SER F 98 -30.89 41.98 7.96
CA SER F 98 -29.59 42.33 7.41
C SER F 98 -28.76 41.09 7.11
N VAL F 99 -28.83 40.07 7.97
CA VAL F 99 -28.01 38.88 7.78
C VAL F 99 -28.44 38.12 6.53
N ALA F 100 -29.70 38.19 6.15
CA ALA F 100 -30.17 37.52 4.94
C ALA F 100 -30.06 38.43 3.72
N VAL F 101 -28.89 39.04 3.57
CA VAL F 101 -28.56 39.83 2.39
C VAL F 101 -27.24 39.29 1.86
N GLN F 102 -26.29 39.09 2.78
CA GLN F 102 -25.00 38.54 2.41
C GLN F 102 -25.14 37.14 1.81
N HIS F 103 -26.14 36.37 2.25
CA HIS F 103 -26.37 35.06 1.66
C HIS F 103 -26.66 35.19 0.17
N HIS F 104 -27.60 36.06 -0.19
CA HIS F 104 -27.93 36.28 -1.59
C HIS F 104 -26.74 36.84 -2.35
N TRP F 105 -26.01 37.77 -1.75
CA TRP F 105 -24.86 38.37 -2.43
C TRP F 105 -23.78 37.33 -2.70
N ALA F 106 -23.50 36.46 -1.73
CA ALA F 106 -22.51 35.42 -1.92
C ALA F 106 -22.95 34.42 -2.98
N THR F 107 -24.23 34.08 -3.00
CA THR F 107 -24.73 33.19 -4.05
C THR F 107 -24.54 33.81 -5.42
N ALA F 108 -24.87 35.09 -5.55
CA ALA F 108 -24.69 35.77 -6.83
C ALA F 108 -23.23 35.82 -7.23
N ILE F 109 -22.34 36.09 -6.27
CA ILE F 109 -20.91 36.15 -6.57
C ILE F 109 -20.42 34.79 -7.05
N ALA F 110 -20.79 33.73 -6.32
CA ALA F 110 -20.34 32.39 -6.70
C ALA F 110 -20.88 31.98 -8.06
N VAL F 111 -22.07 32.46 -8.43
CA VAL F 111 -22.63 32.03 -9.70
C VAL F 111 -22.14 32.89 -10.88
N LEU F 112 -21.74 34.13 -10.65
CA LEU F 112 -21.34 35.01 -11.75
C LEU F 112 -19.89 35.42 -11.72
N GLY F 113 -19.42 35.99 -10.61
CA GLY F 113 -18.08 36.53 -10.56
C GLY F 113 -17.99 37.58 -9.46
N ARG F 114 -16.93 38.38 -9.53
CA ARG F 114 -16.74 39.45 -8.56
C ARG F 114 -17.12 40.77 -9.19
N PRO F 115 -18.19 41.43 -8.73
CA PRO F 115 -18.55 42.73 -9.30
C PRO F 115 -17.64 43.83 -8.77
N LYS F 116 -17.78 45.00 -9.35
CA LYS F 116 -17.05 46.19 -8.93
C LYS F 116 -17.96 47.29 -8.39
N ALA F 117 -19.08 47.55 -9.07
CA ALA F 117 -20.04 48.56 -8.63
C ALA F 117 -21.42 47.93 -8.53
N ILE F 118 -22.09 48.16 -7.41
CA ILE F 118 -23.41 47.59 -7.15
C ILE F 118 -24.36 48.72 -6.79
N LYS F 119 -25.44 48.85 -7.55
CA LYS F 119 -26.50 49.82 -7.27
C LYS F 119 -27.22 49.40 -6.00
N THR F 120 -27.01 50.15 -4.93
CA THR F 120 -27.53 49.77 -3.63
C THR F 120 -28.94 50.29 -3.43
N ASP F 121 -29.86 49.41 -3.07
CA ASP F 121 -31.17 49.84 -2.62
C ASP F 121 -31.03 50.61 -1.32
N ASN F 122 -31.89 51.60 -1.12
CA ASN F 122 -31.75 52.55 -0.03
C ASN F 122 -32.92 52.41 0.94
N GLY F 123 -32.60 52.23 2.23
CA GLY F 123 -33.59 52.41 3.27
C GLY F 123 -33.86 51.25 4.21
N SER F 124 -33.89 50.01 3.70
CA SER F 124 -34.43 48.91 4.49
C SER F 124 -33.41 48.36 5.49
N CYS F 125 -32.34 47.74 4.98
CA CYS F 125 -31.34 47.15 5.85
C CYS F 125 -29.92 47.30 5.36
N PHE F 126 -29.69 47.99 4.25
CA PHE F 126 -28.35 48.15 3.70
C PHE F 126 -27.63 49.36 4.28
N THR F 127 -27.65 49.45 5.61
CA THR F 127 -26.93 50.49 6.33
C THR F 127 -26.21 49.98 7.56
N SER F 128 -26.38 48.70 7.93
CA SER F 128 -25.80 48.18 9.15
C SER F 128 -24.28 48.15 9.05
N LYS F 129 -23.63 48.39 10.19
CA LYS F 129 -22.17 48.33 10.24
C LYS F 129 -21.67 46.94 9.90
N SER F 130 -22.40 45.91 10.34
CA SER F 130 -21.99 44.54 10.02
C SER F 130 -21.93 44.32 8.52
N THR F 131 -22.99 44.68 7.81
CA THR F 131 -23.00 44.53 6.35
C THR F 131 -21.96 45.43 5.70
N ARG F 132 -21.75 46.63 6.24
CA ARG F 132 -20.75 47.53 5.67
C ARG F 132 -19.35 46.93 5.75
N GLU F 133 -19.00 46.37 6.91
CA GLU F 133 -17.70 45.72 7.04
C GLU F 133 -17.63 44.45 6.21
N TRP F 134 -18.72 43.70 6.09
CA TRP F 134 -18.72 42.54 5.22
C TRP F 134 -18.41 42.94 3.78
N LEU F 135 -19.03 44.02 3.31
CA LEU F 135 -18.75 44.51 1.97
C LEU F 135 -17.29 44.97 1.85
N ALA F 136 -16.80 45.70 2.86
CA ALA F 136 -15.43 46.20 2.81
C ALA F 136 -14.43 45.05 2.81
N ARG F 137 -14.78 43.91 3.40
CA ARG F 137 -13.87 42.77 3.43
C ARG F 137 -13.50 42.32 2.01
N TRP F 138 -14.51 42.18 1.15
CA TRP F 138 -14.25 41.82 -0.24
C TRP F 138 -13.89 43.03 -1.10
N GLY F 139 -14.14 44.24 -0.62
CA GLY F 139 -13.74 45.43 -1.35
C GLY F 139 -14.49 45.66 -2.64
N ILE F 140 -15.80 45.94 -2.54
CA ILE F 140 -16.61 46.26 -3.70
C ILE F 140 -17.27 47.61 -3.45
N ALA F 141 -17.52 48.34 -4.55
CA ALA F 141 -18.04 49.70 -4.48
C ALA F 141 -19.56 49.67 -4.55
N HIS F 142 -20.20 50.13 -3.48
CA HIS F 142 -21.65 50.30 -3.46
C HIS F 142 -22.01 51.74 -3.83
N THR F 143 -23.13 51.89 -4.52
CA THR F 143 -23.55 53.22 -4.96
C THR F 143 -24.39 53.93 -3.91
N THR F 144 -25.51 53.33 -3.51
CA THR F 144 -26.44 53.91 -2.55
C THR F 144 -26.93 55.28 -3.01
N GLY F 145 -27.59 55.27 -4.16
CA GLY F 145 -28.17 56.46 -4.74
C GLY F 145 -29.66 56.57 -4.48
N ILE F 146 -30.31 57.45 -5.23
CA ILE F 146 -31.75 57.65 -5.11
C ILE F 146 -32.47 56.58 -5.93
N PRO F 147 -33.30 55.75 -5.30
CA PRO F 147 -33.94 54.65 -6.04
C PRO F 147 -35.05 55.16 -6.96
N GLY F 148 -35.40 54.30 -7.92
CA GLY F 148 -36.53 54.56 -8.80
C GLY F 148 -36.21 55.32 -10.06
N ASN F 149 -35.93 56.62 -9.94
CA ASN F 149 -35.75 57.48 -11.10
C ASN F 149 -34.57 57.05 -11.96
N SER F 150 -33.36 57.12 -11.42
CA SER F 150 -32.16 56.72 -12.14
C SER F 150 -31.46 55.53 -11.52
N GLN F 151 -31.63 55.30 -10.21
CA GLN F 151 -31.08 54.16 -9.53
C GLN F 151 -32.24 53.33 -8.94
N GLY F 152 -31.88 52.31 -8.18
CA GLY F 152 -32.88 51.44 -7.59
C GLY F 152 -33.73 50.74 -8.64
N GLN F 153 -34.99 51.15 -8.75
CA GLN F 153 -35.90 50.57 -9.73
C GLN F 153 -35.76 51.31 -11.06
N ALA F 154 -34.57 51.20 -11.65
CA ALA F 154 -34.28 51.80 -12.94
C ALA F 154 -34.30 50.82 -14.09
N MET F 155 -33.96 49.56 -13.84
CA MET F 155 -33.95 48.53 -14.87
C MET F 155 -34.69 47.27 -14.45
N VAL F 156 -35.00 47.10 -13.17
CA VAL F 156 -35.55 45.83 -12.66
C VAL F 156 -37.04 45.69 -12.92
N GLU F 157 -37.69 46.73 -13.45
CA GLU F 157 -39.13 46.64 -13.69
C GLU F 157 -39.46 45.51 -14.66
N ARG F 158 -38.80 45.49 -15.81
CA ARG F 158 -39.05 44.45 -16.80
C ARG F 158 -38.66 43.08 -16.28
N ALA F 159 -37.56 42.99 -15.54
CA ALA F 159 -37.14 41.71 -14.98
C ALA F 159 -38.18 41.18 -14.01
N ASN F 160 -38.70 42.04 -13.14
CA ASN F 160 -39.73 41.61 -12.19
C ASN F 160 -40.99 41.18 -12.91
N ARG F 161 -41.41 41.96 -13.92
CA ARG F 161 -42.60 41.59 -14.67
C ARG F 161 -42.42 40.25 -15.37
N LEU F 162 -41.25 40.04 -15.98
CA LEU F 162 -40.99 38.78 -16.67
C LEU F 162 -40.98 37.60 -15.72
N LEU F 163 -40.34 37.75 -14.55
CA LEU F 163 -40.30 36.65 -13.61
C LEU F 163 -41.69 36.34 -13.06
N LYS F 164 -42.49 37.37 -12.80
CA LYS F 164 -43.86 37.13 -12.35
C LYS F 164 -44.66 36.39 -13.41
N ASP F 165 -44.52 36.81 -14.66
CA ASP F 165 -45.24 36.14 -15.75
C ASP F 165 -44.78 34.69 -15.84
N LYS F 166 -43.48 34.44 -15.76
CA LYS F 166 -42.97 33.08 -15.87
C LYS F 166 -43.48 32.20 -14.74
N ILE F 167 -43.43 32.71 -13.50
CA ILE F 167 -43.83 31.88 -12.38
C ILE F 167 -45.32 31.58 -12.46
N ARG F 168 -46.15 32.58 -12.81
CA ARG F 168 -47.57 32.32 -12.90
C ARG F 168 -47.90 31.35 -14.03
N VAL F 169 -47.19 31.46 -15.17
CA VAL F 169 -47.46 30.56 -16.29
C VAL F 169 -47.08 29.14 -15.93
N LEU F 170 -45.90 28.94 -15.32
CA LEU F 170 -45.51 27.60 -14.93
C LEU F 170 -46.42 27.04 -13.85
N ALA F 171 -46.92 27.88 -12.95
CA ALA F 171 -47.88 27.42 -11.95
C ALA F 171 -49.16 26.94 -12.61
N GLU F 172 -49.69 27.74 -13.55
CA GLU F 172 -50.94 27.38 -14.19
C GLU F 172 -50.79 26.17 -15.10
N GLY F 173 -49.61 25.97 -15.69
CA GLY F 173 -49.43 24.87 -16.62
C GLY F 173 -49.52 23.50 -16.00
N ASP F 174 -49.36 23.39 -14.68
CA ASP F 174 -49.35 22.11 -14.00
C ASP F 174 -50.37 22.01 -12.88
N GLY F 175 -51.34 22.92 -12.81
CA GLY F 175 -52.40 22.83 -11.83
C GLY F 175 -52.20 23.75 -10.64
N PHE F 176 -52.91 23.45 -9.54
CA PHE F 176 -52.79 24.20 -8.29
C PHE F 176 -53.12 25.69 -8.50
N MET F 177 -54.40 25.93 -8.79
CA MET F 177 -54.89 27.30 -8.91
C MET F 177 -54.50 28.13 -7.69
N LYS F 178 -54.71 27.58 -6.50
CA LYS F 178 -54.42 28.28 -5.26
C LYS F 178 -52.93 28.22 -4.95
N ARG F 179 -52.57 28.61 -3.73
CA ARG F 179 -51.19 28.59 -3.25
C ARG F 179 -50.53 27.25 -3.57
N ILE F 180 -49.33 27.33 -4.13
CA ILE F 180 -48.60 26.13 -4.56
C ILE F 180 -48.21 25.31 -3.33
N PRO F 181 -48.25 23.97 -3.42
CA PRO F 181 -47.75 23.17 -2.30
C PRO F 181 -46.28 23.45 -2.03
N THR F 182 -45.92 23.40 -0.75
CA THR F 182 -44.56 23.75 -0.34
C THR F 182 -43.63 22.55 -0.46
N SER F 183 -43.57 21.97 -1.66
CA SER F 183 -42.64 20.88 -1.92
C SER F 183 -42.01 20.95 -3.30
N LYS F 184 -42.29 21.99 -4.10
CA LYS F 184 -41.76 22.13 -5.45
C LYS F 184 -41.06 23.46 -5.66
N GLN F 185 -40.65 24.12 -4.57
CA GLN F 185 -40.13 25.49 -4.63
C GLN F 185 -38.91 25.60 -5.53
N GLY F 186 -37.82 24.94 -5.14
CA GLY F 186 -36.59 25.05 -5.91
C GLY F 186 -36.70 24.42 -7.28
N GLU F 187 -37.39 23.28 -7.38
CA GLU F 187 -37.54 22.61 -8.66
C GLU F 187 -38.36 23.43 -9.64
N LEU F 188 -39.23 24.32 -9.14
CA LEU F 188 -39.94 25.23 -10.03
C LEU F 188 -39.10 26.46 -10.35
N LEU F 189 -38.37 26.98 -9.35
CA LEU F 189 -37.57 28.17 -9.58
C LEU F 189 -36.43 27.91 -10.57
N ALA F 190 -35.87 26.70 -10.54
CA ALA F 190 -34.75 26.38 -11.43
C ALA F 190 -35.17 26.38 -12.89
N LYS F 191 -36.39 25.91 -13.18
CA LYS F 191 -36.86 25.92 -14.57
C LYS F 191 -36.97 27.34 -15.10
N ALA F 192 -37.51 28.25 -14.28
CA ALA F 192 -37.57 29.65 -14.69
C ALA F 192 -36.18 30.24 -14.89
N MET F 193 -35.27 29.94 -13.97
CA MET F 193 -33.87 30.35 -14.12
C MET F 193 -33.33 29.93 -15.49
N TYR F 194 -33.45 28.63 -15.78
CA TYR F 194 -32.86 28.09 -16.99
C TYR F 194 -33.49 28.69 -18.23
N ALA F 195 -34.82 28.79 -18.24
CA ALA F 195 -35.48 29.37 -19.41
C ALA F 195 -35.03 30.80 -19.64
N LEU F 196 -35.13 31.65 -18.62
CA LEU F 196 -34.82 33.05 -18.78
C LEU F 196 -33.35 33.33 -19.04
N ASN F 197 -32.44 32.42 -18.68
CA ASN F 197 -31.03 32.66 -18.92
C ASN F 197 -30.46 31.85 -20.08
N HIS F 198 -31.24 30.98 -20.73
CA HIS F 198 -30.71 30.23 -21.85
C HIS F 198 -31.53 30.31 -23.13
N PHE F 199 -32.81 30.67 -23.07
CA PHE F 199 -33.68 30.54 -24.24
C PHE F 199 -34.13 31.89 -24.76
N GLU F 200 -33.20 32.84 -24.85
CA GLU F 200 -33.41 34.16 -25.44
C GLU F 200 -34.33 35.02 -24.58
N ARG F 201 -34.07 36.33 -24.56
CA ARG F 201 -34.87 37.27 -23.79
C ARG F 201 -35.77 38.13 -24.66
N GLY F 202 -35.23 38.70 -25.74
CA GLY F 202 -36.02 39.51 -26.63
C GLY F 202 -36.14 38.94 -28.02
N GLU F 203 -35.47 39.56 -28.99
CA GLU F 203 -35.51 39.12 -30.38
C GLU F 203 -34.12 39.12 -31.00
N ASN F 204 -33.10 38.94 -30.16
CA ASN F 204 -31.70 39.04 -30.59
C ASN F 204 -31.07 37.66 -30.65
N THR F 205 -29.87 37.63 -31.21
CA THR F 205 -29.00 36.45 -31.19
C THR F 205 -27.90 36.64 -30.15
N LYS F 206 -28.25 37.29 -29.05
CA LYS F 206 -27.32 37.76 -28.04
C LYS F 206 -27.77 37.32 -26.66
N THR F 207 -28.03 36.01 -26.52
CA THR F 207 -28.50 35.48 -25.25
C THR F 207 -27.51 35.82 -24.14
N PRO F 208 -27.99 36.11 -22.93
CA PRO F 208 -27.09 36.62 -21.89
C PRO F 208 -25.88 35.75 -21.60
N ILE F 209 -26.04 34.42 -21.64
CA ILE F 209 -24.89 33.54 -21.38
C ILE F 209 -23.81 33.78 -22.42
N GLN F 210 -24.18 33.78 -23.70
CA GLN F 210 -23.20 34.00 -24.76
C GLN F 210 -22.58 35.38 -24.66
N LYS F 211 -23.40 36.40 -24.39
CA LYS F 211 -22.88 37.76 -24.37
C LYS F 211 -22.11 38.07 -23.10
N HIS F 212 -22.19 37.23 -22.07
CA HIS F 212 -21.42 37.43 -20.86
C HIS F 212 -20.17 36.57 -20.79
N TRP F 213 -20.15 35.41 -21.45
CA TRP F 213 -18.99 34.53 -21.38
C TRP F 213 -18.21 34.45 -22.68
N ARG F 214 -18.79 34.85 -23.80
CA ARG F 214 -18.11 34.84 -25.10
C ARG F 214 -17.57 33.45 -25.41
N PRO F 215 -18.43 32.46 -25.63
CA PRO F 215 -17.94 31.10 -25.88
C PRO F 215 -17.26 31.00 -27.23
N THR F 216 -16.12 30.32 -27.25
CA THR F 216 -15.35 30.10 -28.47
C THR F 216 -14.77 28.70 -28.46
N VAL F 217 -14.21 28.30 -29.60
CA VAL F 217 -13.58 27.00 -29.75
C VAL F 217 -12.17 27.23 -30.27
N LEU F 218 -11.19 26.56 -29.66
CA LEU F 218 -9.79 26.74 -29.99
C LEU F 218 -9.21 25.47 -30.57
N THR F 219 -8.25 25.63 -31.48
CA THR F 219 -7.57 24.51 -32.12
C THR F 219 -6.05 24.58 -32.01
N GLU F 220 -5.46 25.76 -31.87
CA GLU F 220 -4.02 25.93 -31.78
C GLU F 220 -3.62 26.41 -30.40
N GLY F 221 -2.55 25.84 -29.87
CA GLY F 221 -2.10 26.16 -28.54
C GLY F 221 -1.24 27.40 -28.48
N PRO F 222 -0.58 27.61 -27.35
CA PRO F 222 0.27 28.80 -27.19
C PRO F 222 1.53 28.68 -28.03
N PRO F 223 2.19 29.80 -28.32
CA PRO F 223 3.45 29.73 -29.06
C PRO F 223 4.55 29.11 -28.22
N VAL F 224 5.58 28.61 -28.91
CA VAL F 224 6.70 27.92 -28.27
C VAL F 224 7.97 28.26 -29.02
N LYS F 225 9.10 28.25 -28.30
CA LYS F 225 10.41 28.57 -28.85
C LYS F 225 11.31 27.35 -28.80
N ILE F 226 12.15 27.21 -29.83
CA ILE F 226 13.01 26.05 -30.03
C ILE F 226 14.47 26.48 -29.95
N ARG F 227 14.77 27.41 -29.05
CA ARG F 227 16.12 27.97 -28.95
C ARG F 227 17.09 26.93 -28.42
N ILE F 228 17.37 25.91 -29.23
CA ILE F 228 18.20 24.78 -28.81
C ILE F 228 19.32 24.45 -29.77
N GLU F 229 19.25 24.84 -31.05
CA GLU F 229 20.24 24.42 -32.03
C GLU F 229 21.63 24.92 -31.66
N THR F 230 21.81 26.24 -31.67
CA THR F 230 23.06 26.85 -31.21
C THR F 230 22.76 28.09 -30.37
N GLY F 231 21.69 28.04 -29.58
CA GLY F 231 21.25 29.19 -28.83
C GLY F 231 20.33 30.13 -29.57
N GLU F 232 19.71 29.67 -30.65
CA GLU F 232 18.80 30.49 -31.43
C GLU F 232 17.50 29.74 -31.69
N TRP F 233 16.40 30.48 -31.77
CA TRP F 233 15.10 29.94 -32.08
C TRP F 233 14.56 30.56 -33.36
N GLU F 234 13.53 29.92 -33.91
CA GLU F 234 12.87 30.41 -35.11
C GLU F 234 11.92 31.54 -34.73
N LYS F 235 11.04 31.93 -35.66
CA LYS F 235 10.05 32.95 -35.35
C LYS F 235 9.08 32.52 -34.26
N GLY F 236 8.98 31.21 -34.00
CA GLY F 236 8.06 30.69 -32.98
C GLY F 236 7.12 29.71 -33.64
N TRP F 237 6.94 28.56 -32.98
CA TRP F 237 6.12 27.49 -33.52
C TRP F 237 4.95 27.23 -32.55
N ASN F 238 4.19 26.17 -32.83
CA ASN F 238 2.99 25.86 -32.08
C ASN F 238 3.19 24.56 -31.32
N VAL F 239 2.87 24.57 -30.04
CA VAL F 239 2.97 23.37 -29.23
C VAL F 239 1.76 22.48 -29.48
N LEU F 240 1.91 21.21 -29.15
CA LEU F 240 0.83 20.22 -29.29
C LEU F 240 0.90 19.31 -28.08
N VAL F 241 0.28 18.14 -28.18
CA VAL F 241 0.23 17.15 -27.11
C VAL F 241 1.58 17.02 -26.43
N TRP F 242 1.58 17.07 -25.10
CA TRP F 242 2.78 17.20 -24.28
C TRP F 242 3.19 15.88 -23.64
N GLY F 243 3.11 14.78 -24.38
CA GLY F 243 3.44 13.47 -23.84
C GLY F 243 4.81 13.35 -23.23
N ARG F 244 5.06 12.22 -22.57
CA ARG F 244 6.29 12.04 -21.80
C ARG F 244 7.52 12.06 -22.70
N GLY F 245 8.57 12.70 -22.23
CA GLY F 245 9.85 12.68 -22.90
C GLY F 245 10.02 13.72 -23.98
N TYR F 246 8.99 13.93 -24.80
CA TYR F 246 9.09 14.84 -25.92
C TYR F 246 7.99 15.88 -25.89
N ALA F 247 7.89 16.68 -26.95
CA ALA F 247 6.81 17.66 -27.07
C ALA F 247 6.57 17.92 -28.55
N ALA F 248 5.47 17.37 -29.07
CA ALA F 248 5.15 17.56 -30.49
C ALA F 248 4.99 19.05 -30.79
N VAL F 249 5.65 19.50 -31.86
CA VAL F 249 5.63 20.90 -32.24
C VAL F 249 5.36 21.00 -33.74
N LYS F 250 4.47 21.91 -34.12
CA LYS F 250 4.16 22.15 -35.52
C LYS F 250 4.63 23.53 -35.94
N ASN F 251 5.04 23.65 -37.20
CA ASN F 251 5.48 24.93 -37.71
C ASN F 251 4.30 25.88 -37.87
N ARG F 252 4.59 27.17 -37.73
CA ARG F 252 3.54 28.18 -37.86
C ARG F 252 3.01 28.26 -39.29
N ASP F 253 3.88 28.08 -40.28
CA ASP F 253 3.50 28.25 -41.68
C ASP F 253 3.47 26.94 -42.44
N THR F 254 4.58 26.19 -42.46
CA THR F 254 4.61 24.95 -43.24
C THR F 254 3.79 23.84 -42.60
N ASP F 255 3.48 23.94 -41.31
CA ASP F 255 2.61 23.00 -40.61
C ASP F 255 3.16 21.58 -40.70
N LYS F 256 4.35 21.39 -40.12
CA LYS F 256 5.01 20.09 -40.09
C LYS F 256 5.29 19.71 -38.64
N VAL F 257 5.02 18.45 -38.32
CA VAL F 257 5.12 17.96 -36.96
C VAL F 257 6.52 17.43 -36.70
N ILE F 258 7.08 17.81 -35.55
CA ILE F 258 8.41 17.36 -35.14
C ILE F 258 8.35 16.95 -33.68
N TRP F 259 8.99 15.83 -33.37
CA TRP F 259 9.06 15.30 -32.01
C TRP F 259 10.36 15.75 -31.35
N VAL F 260 10.42 17.05 -31.09
CA VAL F 260 11.56 17.63 -30.38
C VAL F 260 11.51 17.14 -28.93
N PRO F 261 12.66 16.92 -28.28
CA PRO F 261 12.63 16.53 -26.87
C PRO F 261 12.01 17.60 -25.98
N SER F 262 11.41 17.13 -24.88
CA SER F 262 10.74 18.04 -23.96
C SER F 262 11.71 19.03 -23.35
N ARG F 263 12.93 18.58 -23.02
CA ARG F 263 13.95 19.48 -22.52
C ARG F 263 14.40 20.50 -23.54
N LYS F 264 14.05 20.32 -24.81
CA LYS F 264 14.57 21.13 -25.91
C LYS F 264 13.54 22.12 -26.44
N VAL F 265 12.62 22.59 -25.59
CA VAL F 265 11.64 23.59 -25.96
C VAL F 265 11.41 24.51 -24.77
N LYS F 266 11.08 25.76 -25.05
CA LYS F 266 10.88 26.75 -24.00
C LYS F 266 9.66 27.59 -24.32
N PRO F 267 9.05 28.21 -23.30
CA PRO F 267 7.95 29.15 -23.54
C PRO F 267 8.47 30.51 -23.94
N ASP F 268 8.26 30.88 -25.20
CA ASP F 268 8.70 32.18 -25.69
C ASP F 268 7.84 33.28 -25.08
N ILE F 269 8.48 34.42 -24.81
CA ILE F 269 7.87 35.62 -24.20
C ILE F 269 6.76 35.29 -23.20
N GLY G 221 8.54 20.73 26.75
CA GLY G 221 9.09 20.20 25.50
C GLY G 221 8.14 20.36 24.32
N PRO G 222 8.65 20.12 23.12
CA PRO G 222 7.82 20.25 21.92
C PRO G 222 6.77 19.16 21.87
N PRO G 223 5.50 19.52 21.76
CA PRO G 223 4.42 18.53 21.73
C PRO G 223 4.37 17.81 20.38
N VAL G 224 3.48 16.82 20.30
CA VAL G 224 3.26 16.04 19.10
C VAL G 224 1.75 15.88 18.88
N LYS G 225 1.40 15.21 17.79
CA LYS G 225 0.02 14.89 17.44
C LYS G 225 -0.23 13.39 17.53
N ILE G 226 0.22 12.79 18.64
CA ILE G 226 0.32 11.33 18.74
C ILE G 226 -0.94 10.65 18.24
N ARG G 227 -0.74 9.55 17.50
CA ARG G 227 -1.81 8.78 16.90
C ARG G 227 -2.49 7.90 17.95
N ILE G 228 -3.77 7.61 17.71
CA ILE G 228 -4.54 6.75 18.59
C ILE G 228 -4.78 5.41 17.90
N GLU G 229 -5.37 4.47 18.63
CA GLU G 229 -5.42 3.08 18.17
C GLU G 229 -6.19 2.96 16.86
N THR G 230 -7.41 3.48 16.79
CA THR G 230 -8.18 3.39 15.55
C THR G 230 -7.51 4.20 14.46
N GLY G 231 -7.49 5.53 14.62
CA GLY G 231 -6.64 6.40 13.87
C GLY G 231 -7.10 7.84 13.92
N GLU G 232 -6.16 8.75 14.19
CA GLU G 232 -6.37 10.19 14.20
C GLU G 232 -5.06 10.83 14.63
N TRP G 233 -5.03 12.16 14.62
CA TRP G 233 -3.90 12.91 15.16
C TRP G 233 -4.45 14.09 15.96
N GLU G 234 -4.19 14.10 17.27
CA GLU G 234 -4.67 15.16 18.15
C GLU G 234 -3.53 15.70 19.00
N LYS G 235 -3.68 16.94 19.44
CA LYS G 235 -2.66 17.59 20.25
C LYS G 235 -2.74 16.97 21.64
N GLY G 236 -2.00 15.88 21.84
CA GLY G 236 -2.04 15.17 23.10
C GLY G 236 -1.12 15.73 24.17
N TRP G 237 0.18 15.73 23.90
CA TRP G 237 1.18 15.99 24.93
C TRP G 237 2.52 16.19 24.24
N ASN G 238 3.58 16.27 25.04
CA ASN G 238 4.96 16.42 24.55
C ASN G 238 5.78 15.20 24.97
N VAL G 239 7.08 15.26 24.68
CA VAL G 239 8.00 14.15 24.89
C VAL G 239 9.00 14.54 25.96
N LEU G 240 9.30 13.60 26.86
CA LEU G 240 10.27 13.85 27.93
C LEU G 240 11.67 13.37 27.57
N VAL G 241 11.82 12.09 27.24
CA VAL G 241 13.13 11.50 26.99
C VAL G 241 13.09 10.74 25.68
N TRP G 242 14.20 10.78 24.94
CA TRP G 242 14.35 10.13 23.65
C TRP G 242 15.44 9.06 23.74
N GLY G 243 15.81 8.51 22.58
CA GLY G 243 16.81 7.48 22.46
C GLY G 243 16.79 6.90 21.06
N ARG G 244 16.72 5.58 20.95
CA ARG G 244 16.54 4.92 19.67
C ARG G 244 15.05 4.98 19.30
N GLY G 245 14.63 4.15 18.35
CA GLY G 245 13.30 4.28 17.79
C GLY G 245 12.17 3.98 18.75
N TYR G 246 12.14 4.71 19.87
CA TYR G 246 11.08 4.68 20.86
C TYR G 246 11.25 5.91 21.75
N ALA G 247 10.13 6.39 22.29
CA ALA G 247 10.18 7.63 23.07
C ALA G 247 9.12 7.60 24.15
N ALA G 248 9.34 8.43 25.17
CA ALA G 248 8.43 8.56 26.30
C ALA G 248 7.70 9.89 26.19
N VAL G 249 6.37 9.83 26.23
CA VAL G 249 5.52 11.01 26.11
C VAL G 249 4.77 11.22 27.42
N LYS G 250 4.54 12.48 27.74
CA LYS G 250 3.90 12.90 28.98
C LYS G 250 2.39 13.00 28.75
N ASN G 251 1.70 13.65 29.68
CA ASN G 251 0.30 14.01 29.49
C ASN G 251 0.09 15.42 30.04
N ARG G 252 -0.84 16.14 29.41
CA ARG G 252 -1.06 17.54 29.78
C ARG G 252 -1.60 17.67 31.20
N ASP G 253 -2.58 16.85 31.57
CA ASP G 253 -3.26 17.01 32.84
C ASP G 253 -3.04 15.83 33.78
N THR G 254 -3.36 14.61 33.37
CA THR G 254 -3.22 13.46 34.25
C THR G 254 -1.78 13.03 34.44
N ASP G 255 -0.89 13.37 33.50
CA ASP G 255 0.55 13.18 33.65
C ASP G 255 0.92 11.71 33.85
N LYS G 256 0.61 10.90 32.84
CA LYS G 256 1.03 9.51 32.80
C LYS G 256 2.02 9.33 31.66
N VAL G 257 3.22 8.87 31.98
CA VAL G 257 4.24 8.65 30.96
C VAL G 257 3.91 7.39 30.18
N ILE G 258 4.02 7.48 28.86
CA ILE G 258 3.70 6.37 27.95
C ILE G 258 4.84 6.18 26.98
N TRP G 259 5.29 4.94 26.84
CA TRP G 259 6.23 4.60 25.79
C TRP G 259 5.51 4.46 24.46
N VAL G 260 6.19 4.83 23.38
CA VAL G 260 5.56 4.82 22.06
C VAL G 260 6.64 4.70 20.98
N PRO G 261 6.41 3.91 19.94
CA PRO G 261 7.38 3.86 18.83
C PRO G 261 7.47 5.21 18.12
N SER G 262 8.66 5.49 17.60
CA SER G 262 8.91 6.80 16.99
C SER G 262 8.05 7.04 15.76
N ARG G 263 7.63 5.98 15.09
CA ARG G 263 6.89 6.11 13.84
C ARG G 263 5.43 6.48 14.04
N LYS G 264 5.05 6.94 15.24
CA LYS G 264 3.68 7.33 15.52
C LYS G 264 3.53 8.79 15.92
N VAL G 265 4.62 9.48 16.24
CA VAL G 265 4.55 10.88 16.65
C VAL G 265 4.52 11.78 15.42
N LYS G 266 4.18 13.05 15.63
CA LYS G 266 4.14 14.03 14.55
C LYS G 266 4.33 15.44 15.11
N PRO G 267 5.32 16.18 14.65
CA PRO G 267 5.54 17.53 15.19
C PRO G 267 4.41 18.48 14.85
N ASP G 268 4.27 19.50 15.68
CA ASP G 268 3.17 20.46 15.54
C ASP G 268 3.60 21.62 14.65
N ILE G 269 2.59 22.35 14.15
CA ILE G 269 2.81 23.62 13.46
C ILE G 269 3.81 23.49 12.32
N GLY H 221 21.24 21.01 22.66
CA GLY H 221 22.64 21.28 22.97
C GLY H 221 23.28 22.24 22.00
N PRO H 222 23.96 21.70 20.99
CA PRO H 222 24.56 22.56 19.96
C PRO H 222 23.51 23.38 19.24
N PRO H 223 23.69 24.69 19.17
CA PRO H 223 22.68 25.54 18.52
C PRO H 223 22.70 25.42 17.00
N VAL H 224 21.89 26.24 16.32
CA VAL H 224 21.64 26.11 14.90
C VAL H 224 21.95 27.43 14.20
N LYS H 225 21.75 27.46 12.88
CA LYS H 225 22.03 28.63 12.05
C LYS H 225 20.88 28.75 11.05
N ILE H 226 20.04 29.80 11.20
CA ILE H 226 18.73 29.79 10.57
C ILE H 226 18.46 31.15 9.91
N ARG H 227 17.46 31.16 9.03
CA ARG H 227 16.91 32.36 8.43
C ARG H 227 15.53 32.61 9.01
N ILE H 228 15.17 33.88 9.20
CA ILE H 228 13.76 34.23 9.27
C ILE H 228 13.47 35.34 8.27
N GLU H 229 14.09 36.50 8.44
CA GLU H 229 13.87 37.60 7.51
C GLU H 229 15.17 38.18 6.98
N THR H 230 16.21 38.25 7.81
CA THR H 230 17.49 38.81 7.37
C THR H 230 18.70 37.97 7.76
N GLY H 231 18.64 37.20 8.85
CA GLY H 231 19.79 36.48 9.35
C GLY H 231 19.92 36.63 10.86
N GLU H 232 19.88 35.52 11.56
CA GLU H 232 19.84 35.45 13.02
C GLU H 232 20.83 34.40 13.52
N TRP H 233 22.10 34.53 13.13
CA TRP H 233 23.00 33.42 13.22
C TRP H 233 23.24 33.08 14.72
N GLU H 234 22.82 33.96 15.62
CA GLU H 234 23.22 33.97 17.02
C GLU H 234 22.84 32.66 17.71
N LYS H 235 23.43 32.48 18.90
CA LYS H 235 23.34 31.23 19.63
C LYS H 235 22.05 31.19 20.43
N GLY H 236 21.97 30.25 21.38
CA GLY H 236 20.78 30.07 22.18
C GLY H 236 19.84 29.00 21.71
N TRP H 237 20.30 28.09 20.85
CA TRP H 237 19.42 27.10 20.24
C TRP H 237 19.93 25.68 20.51
N ASN H 238 19.34 24.70 19.83
CA ASN H 238 19.60 23.31 20.15
C ASN H 238 19.42 22.43 18.91
N VAL H 239 20.07 21.27 18.93
CA VAL H 239 19.81 20.18 18.02
C VAL H 239 19.42 18.91 18.77
N LEU H 240 19.05 19.04 20.04
CA LEU H 240 18.76 17.86 20.87
C LEU H 240 17.62 17.04 20.29
N VAL H 241 16.64 17.68 19.67
CA VAL H 241 15.59 16.99 18.96
C VAL H 241 15.74 17.40 17.50
N TRP H 242 16.16 16.47 16.65
CA TRP H 242 16.46 16.75 15.26
C TRP H 242 15.57 15.91 14.37
N GLY H 243 15.03 16.55 13.31
CA GLY H 243 14.21 15.85 12.35
C GLY H 243 14.70 16.11 10.93
N ARG H 244 14.21 15.28 10.01
CA ARG H 244 14.58 15.45 8.62
C ARG H 244 13.86 16.63 7.97
N GLY H 245 12.63 16.91 8.38
CA GLY H 245 11.87 18.00 7.79
C GLY H 245 11.80 19.23 8.69
N TYR H 246 12.22 19.09 9.94
CA TYR H 246 12.15 20.18 10.90
C TYR H 246 13.28 20.03 11.90
N ALA H 247 13.38 20.98 12.83
CA ALA H 247 14.45 20.97 13.82
C ALA H 247 13.99 21.26 15.23
N ALA H 248 12.71 21.57 15.46
CA ALA H 248 12.16 21.76 16.80
C ALA H 248 12.90 22.88 17.54
N VAL H 249 12.70 24.10 17.04
CA VAL H 249 13.27 25.28 17.68
C VAL H 249 12.89 25.31 19.15
N LYS H 250 13.89 25.56 19.99
CA LYS H 250 13.68 25.60 21.44
C LYS H 250 14.88 26.36 22.00
N ASN H 251 14.60 27.50 22.62
CA ASN H 251 15.65 28.36 23.16
C ASN H 251 16.02 27.94 24.57
N ARG H 252 17.31 27.96 24.88
CA ARG H 252 17.78 27.57 26.20
C ARG H 252 17.31 28.52 27.29
N ASP H 253 16.79 29.69 26.94
CA ASP H 253 16.31 30.65 27.92
C ASP H 253 14.79 30.76 27.97
N THR H 254 14.09 30.51 26.87
CA THR H 254 12.64 30.66 26.85
C THR H 254 11.88 29.54 26.15
N ASP H 255 12.55 28.68 25.36
CA ASP H 255 11.92 27.57 24.65
C ASP H 255 10.95 28.03 23.57
N LYS H 256 10.77 27.20 22.54
CA LYS H 256 9.85 27.51 21.45
C LYS H 256 9.08 26.26 21.07
N VAL H 257 7.97 26.48 20.35
CA VAL H 257 7.00 25.43 20.06
C VAL H 257 6.69 25.38 18.58
N ILE H 258 7.37 26.21 17.79
CA ILE H 258 6.99 26.40 16.39
C ILE H 258 7.65 25.38 15.47
N TRP H 259 8.89 24.98 15.76
CA TRP H 259 9.72 24.14 14.88
C TRP H 259 10.10 24.90 13.61
N VAL H 260 11.16 24.47 12.94
CA VAL H 260 11.62 25.14 11.73
C VAL H 260 11.92 24.09 10.67
N PRO H 261 11.70 24.37 9.38
CA PRO H 261 12.14 23.43 8.34
C PRO H 261 13.64 23.22 8.41
N SER H 262 14.06 21.98 8.17
CA SER H 262 15.47 21.63 8.29
C SER H 262 16.27 21.94 7.02
N ARG H 263 15.61 21.96 5.86
CA ARG H 263 16.33 22.17 4.61
C ARG H 263 16.96 23.56 4.54
N LYS H 264 16.22 24.59 4.95
CA LYS H 264 16.69 25.96 4.83
C LYS H 264 17.62 26.39 5.95
N VAL H 265 17.94 25.49 6.88
CA VAL H 265 18.77 25.81 8.02
C VAL H 265 20.07 25.01 7.95
N LYS H 266 20.99 25.31 8.87
CA LYS H 266 22.30 24.66 8.86
C LYS H 266 22.87 24.61 10.27
N PRO H 267 23.96 23.89 10.50
CA PRO H 267 24.59 23.90 11.83
C PRO H 267 25.17 25.26 12.17
N ASP H 268 25.21 25.56 13.47
CA ASP H 268 25.76 26.81 13.95
C ASP H 268 27.28 26.83 13.80
N ILE H 269 27.84 28.03 13.85
CA ILE H 269 29.27 28.28 13.63
C ILE H 269 29.77 27.59 12.37
ZN ZN O . -3.74 29.08 5.52
ZN ZN P . 6.03 -27.91 -6.02
#